data_7W42
#
_entry.id   7W42
#
_cell.length_a   155.600
_cell.length_b   155.600
_cell.length_c   303.081
_cell.angle_alpha   90.000
_cell.angle_beta   90.000
_cell.angle_gamma   120.000
#
_symmetry.space_group_name_H-M   'H 3 2'
#
loop_
_entity.id
_entity.type
_entity.pdbx_description
1 polymer 'Uncharacterized ATPase YjoB'
2 water water
#
_entity_poly.entity_id   1
_entity_poly.type   'polypeptide(L)'
_entity_poly.pdbx_seq_one_letter_code
;GSMTNIPFIYQYEEKENERAAAGYGTFGYLITRIEETLYDQYGVFYELYASDDPNTEYWELLVEDVRSGSLEPEHVAYIF
EKLEKKTFAYDEDEKEPDYTVHKSIRNSVYAYPEKGVAFARIPYFQDGSIMSFDCLFAVNDEKMRAFLEGVRPRLWEKSK
RKVTVFTDGDGGTSREQEAIVREVQRSQVIMNPLLKKEIYRSIDQFFHSDKSFYQTYDIPYKRGILLYGPPGNGKTTLVK
SIAGSIDAPVAYWQITEFTSSETIEEVFQAARRLAPAVLVIEDIDSMPEDVRSFFLNTLDGATSKEGLFLIGTTNYPEEI
DPGLMNRAGRFDRAYEIGLPDEELRLEYMKMRGFGIFLSEGEIKNAAKLTEGFSFAQLGELYVSSALQWHQEGNHHIETM
VKDMTGEQRKSQRGSWMERNKVGFH
;
_entity_poly.pdbx_strand_id   A,B
#
# COMPACT_ATOMS: atom_id res chain seq x y z
N ILE A 6 -40.94 5.83 -33.13
CA ILE A 6 -40.45 6.72 -34.19
C ILE A 6 -40.68 8.25 -33.95
N PRO A 7 -41.81 8.69 -33.37
CA PRO A 7 -41.97 10.14 -33.15
C PRO A 7 -41.02 10.64 -32.07
N PHE A 8 -40.80 11.96 -32.08
CA PHE A 8 -40.03 12.64 -31.05
C PHE A 8 -40.89 13.69 -30.35
N ILE A 9 -41.00 13.55 -29.02
CA ILE A 9 -41.77 14.50 -28.22
C ILE A 9 -41.17 15.89 -28.33
N TYR A 10 -39.88 16.01 -28.09
CA TYR A 10 -39.19 17.28 -28.10
C TYR A 10 -38.82 17.65 -29.52
N GLN A 11 -39.39 18.74 -30.01
CA GLN A 11 -39.20 19.17 -31.38
C GLN A 11 -38.57 20.55 -31.45
N TYR A 12 -38.21 21.13 -30.30
CA TYR A 12 -37.57 22.44 -30.27
C TYR A 12 -36.26 22.40 -31.02
N GLU A 13 -35.97 23.45 -31.79
CA GLU A 13 -34.73 23.48 -32.55
C GLU A 13 -33.76 24.50 -31.96
N GLU A 14 -32.57 24.02 -31.64
CA GLU A 14 -31.57 24.76 -30.89
C GLU A 14 -30.87 25.77 -31.80
N LYS A 15 -30.85 27.03 -31.38
CA LYS A 15 -29.88 27.97 -31.92
C LYS A 15 -28.47 27.40 -31.73
N GLU A 16 -27.56 27.71 -32.65
CA GLU A 16 -26.21 27.19 -32.49
C GLU A 16 -25.53 27.79 -31.25
N ASN A 17 -26.02 28.93 -30.75
CA ASN A 17 -25.51 29.50 -29.51
C ASN A 17 -25.82 28.63 -28.29
N GLU A 18 -26.86 27.79 -28.37
CA GLU A 18 -27.24 26.90 -27.28
C GLU A 18 -26.45 25.60 -27.27
N ARG A 19 -25.54 25.41 -28.23
CA ARG A 19 -24.69 24.22 -28.18
C ARG A 19 -23.53 24.40 -27.22
N ALA A 20 -23.27 25.64 -26.76
CA ALA A 20 -22.08 25.97 -25.99
C ALA A 20 -22.01 25.18 -24.69
N ALA A 21 -20.79 24.79 -24.33
CA ALA A 21 -20.55 24.03 -23.11
C ALA A 21 -20.25 24.95 -21.94
N ALA A 22 -21.00 24.78 -20.85
CA ALA A 22 -20.86 25.63 -19.68
C ALA A 22 -19.48 25.48 -19.05
N GLY A 23 -18.88 26.62 -18.70
CA GLY A 23 -17.55 26.63 -18.09
C GLY A 23 -16.40 26.47 -19.05
N TYR A 24 -16.63 25.90 -20.24
CA TYR A 24 -15.53 25.60 -21.15
C TYR A 24 -14.96 26.87 -21.79
N GLY A 25 -15.77 27.91 -21.94
CA GLY A 25 -15.30 29.12 -22.59
C GLY A 25 -14.23 29.84 -21.78
N THR A 26 -14.40 29.92 -20.46
CA THR A 26 -13.35 30.44 -19.62
C THR A 26 -12.17 29.46 -19.55
N PHE A 27 -12.44 28.17 -19.33
CA PHE A 27 -11.36 27.22 -19.10
C PHE A 27 -10.51 27.02 -20.35
N GLY A 28 -11.14 26.75 -21.49
CA GLY A 28 -10.37 26.60 -22.71
C GLY A 28 -9.57 27.84 -23.03
N TYR A 29 -10.06 29.02 -22.62
CA TYR A 29 -9.33 30.25 -22.88
C TYR A 29 -8.07 30.34 -22.02
N LEU A 30 -8.18 29.99 -20.73
CA LEU A 30 -7.03 29.98 -19.84
C LEU A 30 -5.99 28.96 -20.29
N ILE A 31 -6.42 27.73 -20.62
CA ILE A 31 -5.47 26.72 -21.08
C ILE A 31 -4.74 27.18 -22.33
N THR A 32 -5.46 27.76 -23.28
CA THR A 32 -4.82 28.29 -24.48
C THR A 32 -3.78 29.34 -24.12
N ARG A 33 -4.13 30.26 -23.22
CA ARG A 33 -3.20 31.32 -22.85
C ARG A 33 -2.01 30.79 -22.05
N ILE A 34 -2.25 29.83 -21.17
CA ILE A 34 -1.13 29.20 -20.47
C ILE A 34 -0.16 28.56 -21.47
N GLU A 35 -0.69 27.89 -22.48
CA GLU A 35 0.17 27.31 -23.51
C GLU A 35 0.85 28.39 -24.36
N GLU A 36 0.13 29.45 -24.72
CA GLU A 36 0.79 30.50 -25.51
C GLU A 36 1.94 31.11 -24.73
N THR A 37 1.72 31.37 -23.43
CA THR A 37 2.72 32.01 -22.59
C THR A 37 3.95 31.12 -22.38
N LEU A 38 3.73 29.81 -22.19
CA LEU A 38 4.86 28.89 -22.05
C LEU A 38 5.68 28.83 -23.34
N TYR A 39 5.02 28.87 -24.50
CA TYR A 39 5.72 28.92 -25.79
C TYR A 39 6.56 30.18 -25.91
N ASP A 40 5.95 31.35 -25.64
CA ASP A 40 6.67 32.63 -25.68
C ASP A 40 7.92 32.63 -24.82
N GLN A 41 7.93 31.90 -23.71
CA GLN A 41 9.06 31.96 -22.80
C GLN A 41 10.10 30.87 -23.05
N TYR A 42 9.66 29.67 -23.44
CA TYR A 42 10.56 28.54 -23.56
C TYR A 42 10.66 28.02 -24.98
N GLY A 43 9.79 28.44 -25.88
CA GLY A 43 9.95 28.07 -27.25
C GLY A 43 9.51 26.67 -27.57
N VAL A 44 8.82 26.00 -26.66
CA VAL A 44 8.27 24.68 -26.89
C VAL A 44 6.78 24.70 -26.59
N PHE A 45 6.12 23.59 -26.94
CA PHE A 45 4.68 23.43 -26.78
C PHE A 45 4.38 22.51 -25.61
N TYR A 46 3.80 23.05 -24.54
CA TYR A 46 3.27 22.25 -23.43
C TYR A 46 1.82 21.87 -23.69
N GLU A 47 1.48 20.65 -23.33
CA GLU A 47 0.17 20.03 -23.49
C GLU A 47 -0.39 19.70 -22.11
N LEU A 48 -1.71 19.72 -22.00
CA LEU A 48 -2.37 19.32 -20.76
C LEU A 48 -2.30 17.82 -20.56
N TYR A 49 -1.87 17.39 -19.36
CA TYR A 49 -1.88 15.99 -18.96
C TYR A 49 -2.80 15.69 -17.79
N ALA A 50 -3.28 16.71 -17.07
CA ALA A 50 -4.25 16.49 -15.99
C ALA A 50 -4.99 17.80 -15.81
N SER A 51 -6.31 17.81 -16.02
CA SER A 51 -7.04 19.07 -15.98
C SER A 51 -7.42 19.47 -14.57
N ASP A 52 -7.60 18.53 -13.65
CA ASP A 52 -7.75 18.89 -12.23
C ASP A 52 -7.12 17.75 -11.43
N ASP A 53 -5.80 17.78 -11.36
CA ASP A 53 -5.00 16.65 -10.90
C ASP A 53 -5.36 16.29 -9.46
N PRO A 54 -5.82 15.06 -9.20
CA PRO A 54 -6.00 14.65 -7.80
C PRO A 54 -4.70 14.33 -7.07
N ASN A 55 -3.60 14.11 -7.79
CA ASN A 55 -2.35 13.76 -7.12
C ASN A 55 -1.84 14.93 -6.31
N THR A 56 -1.31 14.66 -5.13
CA THR A 56 -0.83 15.75 -4.30
C THR A 56 0.67 15.73 -4.08
N GLU A 57 1.32 14.59 -4.32
CA GLU A 57 2.73 14.42 -3.94
C GLU A 57 3.62 15.45 -4.60
N TYR A 58 3.67 15.43 -5.93
CA TYR A 58 4.54 16.36 -6.65
C TYR A 58 4.03 17.80 -6.61
N TRP A 59 2.74 18.00 -6.31
CA TRP A 59 2.25 19.36 -6.07
C TRP A 59 2.79 19.89 -4.76
N GLU A 60 2.98 19.02 -3.77
CA GLU A 60 3.63 19.45 -2.54
C GLU A 60 5.13 19.68 -2.75
N LEU A 61 5.75 18.91 -3.65
CA LEU A 61 7.15 19.18 -3.99
C LEU A 61 7.28 20.53 -4.67
N LEU A 62 6.35 20.87 -5.54
CA LEU A 62 6.34 22.20 -6.16
C LEU A 62 6.32 23.29 -5.11
N VAL A 63 5.40 23.20 -4.15
CA VAL A 63 5.24 24.25 -3.15
C VAL A 63 6.50 24.37 -2.30
N GLU A 64 7.07 23.24 -1.88
CA GLU A 64 8.29 23.30 -1.09
C GLU A 64 9.45 23.84 -1.91
N ASP A 65 9.51 23.49 -3.19
CA ASP A 65 10.52 24.05 -4.09
C ASP A 65 10.40 25.57 -4.17
N VAL A 66 9.18 26.07 -4.41
CA VAL A 66 8.99 27.52 -4.45
C VAL A 66 9.33 28.14 -3.10
N ARG A 67 8.80 27.56 -2.02
CA ARG A 67 8.98 28.13 -0.69
C ARG A 67 10.45 28.22 -0.31
N SER A 68 11.23 27.20 -0.63
CA SER A 68 12.64 27.12 -0.25
C SER A 68 13.58 27.80 -1.23
N GLY A 69 13.08 28.58 -2.18
CA GLY A 69 13.95 29.32 -3.08
C GLY A 69 14.78 28.49 -4.04
N SER A 70 14.47 27.20 -4.19
CA SER A 70 15.13 26.38 -5.18
C SER A 70 15.14 27.07 -6.55
N LEU A 71 16.18 26.80 -7.33
CA LEU A 71 16.29 27.38 -8.65
C LEU A 71 15.40 26.70 -9.68
N GLU A 72 15.05 25.44 -9.43
CA GLU A 72 14.53 24.58 -10.49
C GLU A 72 13.18 25.04 -11.00
N PRO A 73 12.17 25.35 -10.16
CA PRO A 73 10.86 25.79 -10.71
C PRO A 73 10.85 27.29 -10.97
N GLU A 74 10.47 27.69 -12.18
CA GLU A 74 10.48 29.09 -12.58
C GLU A 74 9.05 29.65 -12.60
N HIS A 75 8.87 30.83 -12.02
CA HIS A 75 7.58 31.48 -12.07
C HIS A 75 7.37 32.05 -13.47
N VAL A 76 6.30 31.64 -14.12
CA VAL A 76 6.08 31.99 -15.51
C VAL A 76 5.07 33.12 -15.65
N ALA A 77 3.97 33.06 -14.90
CA ALA A 77 2.92 34.04 -15.10
C ALA A 77 1.93 33.96 -13.96
N TYR A 78 1.27 35.07 -13.68
CA TYR A 78 0.07 35.06 -12.87
C TYR A 78 -1.14 34.83 -13.76
N ILE A 79 -2.19 34.26 -13.19
CA ILE A 79 -3.37 34.02 -13.97
C ILE A 79 -4.26 35.26 -13.99
N PHE A 80 -4.79 35.66 -12.82
CA PHE A 80 -5.64 36.84 -12.72
C PHE A 80 -4.86 37.99 -12.10
N GLU A 81 -4.89 39.14 -12.78
CA GLU A 81 -4.14 40.30 -12.32
C GLU A 81 -4.45 40.67 -10.88
N LYS A 82 -5.70 40.53 -10.46
CA LYS A 82 -6.17 40.99 -9.16
C LYS A 82 -6.38 39.89 -8.12
N LEU A 83 -5.91 38.67 -8.36
CA LEU A 83 -5.86 37.67 -7.29
C LEU A 83 -4.45 37.68 -6.73
N GLU A 84 -4.19 36.84 -5.74
CA GLU A 84 -2.94 36.96 -5.00
C GLU A 84 -1.73 36.68 -5.89
N LYS A 85 -0.68 37.48 -5.70
CA LYS A 85 0.61 37.24 -6.32
C LYS A 85 1.63 36.77 -5.32
N LYS A 86 1.26 36.79 -4.04
CA LYS A 86 2.13 36.44 -2.94
C LYS A 86 1.33 35.54 -2.01
N THR A 87 2.04 34.76 -1.22
CA THR A 87 1.39 33.94 -0.24
C THR A 87 2.39 33.74 0.89
N PHE A 88 1.99 33.00 1.92
CA PHE A 88 2.96 32.66 2.95
C PHE A 88 2.69 31.25 3.48
N ALA A 89 3.74 30.63 4.00
CA ALA A 89 3.62 29.26 4.47
C ALA A 89 2.85 29.16 5.78
N TYR A 90 2.64 30.27 6.48
CA TYR A 90 2.21 30.27 7.88
C TYR A 90 0.80 29.73 8.02
N ASP A 91 0.67 28.55 8.63
CA ASP A 91 -0.61 27.94 8.94
C ASP A 91 -0.64 27.65 10.44
N GLU A 92 -1.59 28.27 11.14
CA GLU A 92 -1.62 28.20 12.60
C GLU A 92 -1.96 26.80 13.12
N ASP A 93 -2.35 25.87 12.26
CA ASP A 93 -2.73 24.54 12.73
C ASP A 93 -1.55 23.59 12.90
N GLU A 94 -0.41 23.87 12.26
CA GLU A 94 0.75 22.98 12.38
C GLU A 94 1.55 23.28 13.63
N LYS A 95 2.23 22.23 14.14
CA LYS A 95 3.06 22.37 15.32
C LYS A 95 4.17 23.39 15.09
N GLU A 96 4.88 23.27 13.98
CA GLU A 96 6.00 24.16 13.70
C GLU A 96 5.62 25.20 12.66
N PRO A 97 5.45 26.47 13.04
CA PRO A 97 5.06 27.48 12.05
C PRO A 97 6.20 27.78 11.08
N ASP A 98 5.83 28.07 9.83
CA ASP A 98 6.75 28.52 8.80
C ASP A 98 6.33 29.92 8.36
N TYR A 99 7.23 30.88 8.46
CA TYR A 99 6.91 32.26 8.18
C TYR A 99 7.39 32.70 6.81
N THR A 100 7.73 31.76 5.93
CA THR A 100 8.27 32.13 4.65
C THR A 100 7.20 32.81 3.79
N VAL A 101 7.58 33.92 3.18
CA VAL A 101 6.74 34.63 2.21
C VAL A 101 7.36 34.43 0.84
N HIS A 102 6.51 34.14 -0.16
CA HIS A 102 7.00 33.84 -1.48
C HIS A 102 5.86 34.05 -2.47
N LYS A 103 6.16 33.80 -3.74
CA LYS A 103 5.14 33.98 -4.77
C LYS A 103 4.05 32.93 -4.60
N SER A 104 2.83 33.34 -4.92
CA SER A 104 1.69 32.46 -4.74
C SER A 104 1.82 31.22 -5.61
N ILE A 105 1.15 30.15 -5.16
CA ILE A 105 1.02 28.95 -5.98
C ILE A 105 -0.31 29.04 -6.70
N ARG A 106 -1.40 29.10 -5.95
CA ARG A 106 -2.67 29.47 -6.55
C ARG A 106 -2.48 30.81 -7.28
N ASN A 107 -3.14 30.95 -8.44
CA ASN A 107 -3.04 32.10 -9.34
C ASN A 107 -1.71 32.18 -10.09
N SER A 108 -0.90 31.11 -10.12
CA SER A 108 0.41 31.13 -10.77
C SER A 108 0.62 29.98 -11.75
N VAL A 109 1.55 30.20 -12.67
CA VAL A 109 2.02 29.17 -13.59
C VAL A 109 3.50 28.99 -13.32
N TYR A 110 3.91 27.75 -13.03
CA TYR A 110 5.31 27.42 -12.80
C TYR A 110 5.75 26.38 -13.81
N ALA A 111 7.03 26.41 -14.14
CA ALA A 111 7.59 25.41 -15.04
C ALA A 111 8.93 24.92 -14.52
N TYR A 112 9.16 23.62 -14.71
CA TYR A 112 10.47 23.00 -14.52
C TYR A 112 11.08 22.84 -15.90
N PRO A 113 11.75 23.85 -16.44
CA PRO A 113 12.01 23.86 -17.90
C PRO A 113 12.93 22.74 -18.36
N GLU A 114 13.93 22.36 -17.57
CA GLU A 114 14.76 21.20 -17.91
C GLU A 114 13.93 19.92 -17.91
N LYS A 115 13.03 19.77 -16.94
CA LYS A 115 12.15 18.61 -16.84
C LYS A 115 11.08 18.61 -17.91
N GLY A 116 10.72 19.77 -18.47
CA GLY A 116 9.65 19.85 -19.44
C GLY A 116 8.26 19.69 -18.86
N VAL A 117 8.08 20.04 -17.58
CA VAL A 117 6.80 19.88 -16.89
C VAL A 117 6.42 21.21 -16.27
N ALA A 118 5.14 21.61 -16.40
CA ALA A 118 4.66 22.89 -15.91
C ALA A 118 3.36 22.72 -15.13
N PHE A 119 3.09 23.68 -14.23
CA PHE A 119 2.01 23.60 -13.25
C PHE A 119 1.22 24.89 -13.27
N ALA A 120 -0.11 24.79 -13.22
CA ALA A 120 -0.95 25.98 -13.08
C ALA A 120 -2.07 25.70 -12.09
N ARG A 121 -2.16 26.49 -11.04
CA ARG A 121 -3.26 26.36 -10.09
C ARG A 121 -4.25 27.48 -10.39
N ILE A 122 -5.33 27.14 -11.10
CA ILE A 122 -6.21 28.13 -11.70
C ILE A 122 -7.34 28.43 -10.72
N PRO A 123 -7.45 29.67 -10.19
CA PRO A 123 -8.52 29.99 -9.24
C PRO A 123 -9.89 30.04 -9.90
N TYR A 124 -10.92 29.80 -9.09
CA TYR A 124 -12.31 30.06 -9.46
C TYR A 124 -13.16 30.16 -8.20
N PHE A 125 -14.33 30.78 -8.35
CA PHE A 125 -15.25 31.06 -7.24
C PHE A 125 -16.42 30.08 -7.23
N GLN A 126 -16.69 29.50 -6.05
CA GLN A 126 -17.82 28.60 -5.86
C GLN A 126 -18.05 28.22 -4.39
N ASP A 127 -19.24 28.54 -3.86
CA ASP A 127 -19.82 27.95 -2.63
C ASP A 127 -18.95 28.07 -1.37
N GLY A 128 -18.67 29.30 -0.93
CA GLY A 128 -18.66 30.51 -1.75
C GLY A 128 -17.19 30.83 -1.89
N SER A 129 -16.37 29.90 -1.39
CA SER A 129 -14.94 30.07 -1.23
C SER A 129 -14.24 30.17 -2.58
N ILE A 130 -12.93 30.35 -2.52
CA ILE A 130 -12.08 30.35 -3.70
C ILE A 130 -11.38 28.99 -3.73
N MET A 131 -11.60 28.25 -4.81
CA MET A 131 -10.97 26.97 -5.05
C MET A 131 -10.07 27.08 -6.29
N SER A 132 -9.52 25.94 -6.75
CA SER A 132 -8.66 25.95 -7.92
C SER A 132 -8.66 24.62 -8.62
N PHE A 133 -8.48 24.67 -9.94
CA PHE A 133 -8.13 23.52 -10.77
C PHE A 133 -6.62 23.38 -10.79
N ASP A 134 -6.10 22.23 -10.38
CA ASP A 134 -4.68 21.97 -10.51
C ASP A 134 -4.43 21.36 -11.89
N CYS A 135 -3.70 22.07 -12.73
CA CYS A 135 -3.44 21.68 -14.12
C CYS A 135 -1.97 21.36 -14.32
N LEU A 136 -1.69 20.23 -14.95
CA LEU A 136 -0.34 19.73 -15.18
C LEU A 136 -0.08 19.66 -16.68
N PHE A 137 1.06 20.24 -17.10
CA PHE A 137 1.43 20.32 -18.51
C PHE A 137 2.79 19.67 -18.74
N ALA A 138 3.03 19.17 -19.94
CA ALA A 138 4.35 18.64 -20.28
C ALA A 138 4.62 18.81 -21.77
N VAL A 139 5.90 18.80 -22.12
CA VAL A 139 6.23 19.00 -23.54
C VAL A 139 6.04 17.71 -24.35
N ASN A 140 6.17 16.53 -23.74
CA ASN A 140 5.88 15.28 -24.43
C ASN A 140 5.77 14.15 -23.41
N ASP A 141 5.35 12.97 -23.89
CA ASP A 141 5.06 11.84 -23.00
C ASP A 141 6.31 11.33 -22.30
N GLU A 142 7.46 11.39 -22.96
CA GLU A 142 8.65 10.84 -22.34
C GLU A 142 9.09 11.70 -21.17
N LYS A 143 8.94 13.03 -21.31
CA LYS A 143 9.35 13.89 -20.21
C LYS A 143 8.35 13.78 -19.08
N MET A 144 7.06 13.69 -19.41
CA MET A 144 6.05 13.53 -18.37
C MET A 144 6.34 12.30 -17.53
N ARG A 145 6.65 11.18 -18.18
CA ARG A 145 6.90 9.96 -17.44
C ARG A 145 8.15 10.07 -16.58
N ALA A 146 9.23 10.66 -17.11
CA ALA A 146 10.45 10.77 -16.33
C ALA A 146 10.24 11.66 -15.12
N PHE A 147 9.41 12.70 -15.27
CA PHE A 147 9.08 13.51 -14.12
C PHE A 147 8.37 12.68 -13.05
N LEU A 148 7.35 11.90 -13.42
CA LEU A 148 6.64 11.08 -12.43
C LEU A 148 7.58 10.09 -11.75
N GLU A 149 8.40 9.40 -12.55
CA GLU A 149 9.37 8.46 -12.01
C GLU A 149 10.33 9.11 -11.02
N GLY A 150 10.50 10.43 -11.09
CA GLY A 150 11.43 11.12 -10.23
C GLY A 150 10.86 11.57 -8.93
N VAL A 151 9.53 11.49 -8.78
CA VAL A 151 8.85 12.04 -7.60
C VAL A 151 9.26 11.29 -6.34
N ARG A 152 9.13 9.97 -6.36
CA ARG A 152 9.43 9.18 -5.18
C ARG A 152 10.86 9.34 -4.72
N PRO A 153 11.88 9.31 -5.60
CA PRO A 153 13.25 9.53 -5.12
C PRO A 153 13.45 10.90 -4.48
N ARG A 154 12.75 11.94 -4.96
CA ARG A 154 12.85 13.23 -4.29
C ARG A 154 12.22 13.17 -2.91
N LEU A 155 11.01 12.59 -2.82
CA LEU A 155 10.37 12.44 -1.51
C LEU A 155 11.25 11.62 -0.58
N TRP A 156 11.92 10.59 -1.11
CA TRP A 156 12.79 9.77 -0.27
C TRP A 156 13.92 10.62 0.34
N GLU A 157 14.67 11.35 -0.51
CA GLU A 157 15.78 12.18 -0.01
C GLU A 157 15.29 13.17 1.01
N LYS A 158 14.12 13.76 0.77
CA LYS A 158 13.62 14.76 1.71
C LYS A 158 13.24 14.14 3.05
N SER A 159 12.76 12.91 3.06
CA SER A 159 12.33 12.31 4.31
C SER A 159 13.46 11.69 5.10
N LYS A 160 14.63 11.45 4.48
CA LYS A 160 15.82 11.17 5.27
C LYS A 160 16.02 12.24 6.32
N ARG A 161 15.75 13.48 5.94
CA ARG A 161 16.01 14.67 6.75
C ARG A 161 14.90 14.95 7.73
N LYS A 162 14.10 13.95 8.07
CA LYS A 162 12.92 14.21 8.87
C LYS A 162 12.49 12.92 9.54
N VAL A 163 11.58 13.06 10.50
CA VAL A 163 10.96 11.95 11.17
C VAL A 163 9.46 12.13 11.04
N THR A 164 8.77 11.08 10.64
CA THR A 164 7.35 11.14 10.31
C THR A 164 6.57 10.37 11.35
N VAL A 165 5.66 11.03 12.04
CA VAL A 165 4.89 10.35 13.07
C VAL A 165 3.48 10.14 12.52
N PHE A 166 3.01 8.90 12.64
CA PHE A 166 1.64 8.52 12.32
C PHE A 166 0.92 8.26 13.62
N THR A 167 -0.11 9.05 13.90
CA THR A 167 -0.91 8.88 15.11
C THR A 167 -2.32 8.49 14.70
N ASP A 168 -2.75 7.30 15.12
CA ASP A 168 -4.04 6.80 14.71
C ASP A 168 -5.17 7.53 15.44
N GLY A 169 -6.16 7.99 14.67
CA GLY A 169 -7.31 8.68 15.21
C GLY A 169 -8.61 8.06 14.74
N ASP A 170 -9.71 8.71 15.13
CA ASP A 170 -11.04 8.17 14.88
C ASP A 170 -11.36 8.10 13.39
N GLY A 171 -11.05 9.16 12.64
CA GLY A 171 -11.23 9.09 11.20
C GLY A 171 -10.18 8.22 10.51
N GLY A 172 -8.92 8.47 10.82
CA GLY A 172 -7.83 7.70 10.26
C GLY A 172 -6.54 8.17 10.90
N THR A 173 -5.42 7.77 10.31
CA THR A 173 -4.12 8.13 10.85
C THR A 173 -3.71 9.54 10.41
N SER A 174 -2.96 10.22 11.28
CA SER A 174 -2.52 11.59 11.05
C SER A 174 -1.00 11.59 10.85
N ARG A 175 -0.57 12.08 9.70
CA ARG A 175 0.83 12.15 9.34
C ARG A 175 1.39 13.50 9.77
N GLU A 176 2.57 13.47 10.39
CA GLU A 176 3.18 14.67 10.97
C GLU A 176 4.68 14.59 10.74
N GLN A 177 5.24 15.53 9.98
CA GLN A 177 6.68 15.56 9.74
C GLN A 177 7.36 16.46 10.76
N GLU A 178 8.54 16.03 11.21
CA GLU A 178 9.26 16.72 12.27
C GLU A 178 10.73 16.84 11.91
N ALA A 179 11.33 17.97 12.32
CA ALA A 179 12.74 18.23 12.05
C ALA A 179 13.64 17.30 12.85
N ILE A 180 14.73 16.87 12.21
CA ILE A 180 15.75 16.10 12.93
C ILE A 180 16.64 17.10 13.66
N VAL A 181 16.15 17.59 14.80
CA VAL A 181 16.91 18.57 15.59
C VAL A 181 18.18 17.94 16.15
N ARG A 182 18.12 16.66 16.51
CA ARG A 182 19.25 15.91 17.07
C ARG A 182 19.60 14.76 16.14
N GLU A 183 20.81 14.83 15.56
CA GLU A 183 21.41 13.72 14.84
C GLU A 183 22.04 12.74 15.85
N VAL A 184 22.08 11.47 15.48
CA VAL A 184 22.48 10.38 16.40
C VAL A 184 23.60 9.57 15.76
N GLN A 185 24.79 9.63 16.32
CA GLN A 185 25.89 8.80 15.85
C GLN A 185 25.76 7.39 16.44
N ARG A 186 26.27 6.40 15.70
CA ARG A 186 26.16 5.02 16.16
C ARG A 186 26.83 4.81 17.52
N SER A 187 27.86 5.60 17.84
CA SER A 187 28.54 5.43 19.12
C SER A 187 27.69 5.88 20.30
N GLN A 188 26.52 6.47 20.07
CA GLN A 188 25.64 6.92 21.15
C GLN A 188 24.53 5.94 21.44
N VAL A 189 24.53 4.78 20.78
CA VAL A 189 23.54 3.75 21.04
C VAL A 189 24.11 2.91 22.16
N ILE A 190 23.60 3.11 23.38
CA ILE A 190 24.09 2.40 24.55
C ILE A 190 23.34 1.08 24.65
N MET A 191 24.05 -0.02 24.51
CA MET A 191 23.38 -1.28 24.28
C MET A 191 24.39 -2.39 24.44
N ASN A 192 23.90 -3.59 24.76
CA ASN A 192 24.76 -4.75 24.81
C ASN A 192 25.60 -4.81 23.53
N PRO A 193 26.94 -4.78 23.64
CA PRO A 193 27.76 -4.70 22.42
C PRO A 193 27.59 -5.87 21.49
N LEU A 194 27.41 -7.07 22.01
CA LEU A 194 27.32 -8.23 21.12
C LEU A 194 26.04 -8.20 20.32
N LEU A 195 24.98 -7.65 20.88
CA LEU A 195 23.70 -7.64 20.20
C LEU A 195 23.58 -6.41 19.32
N LYS A 196 24.20 -5.31 19.73
CA LYS A 196 24.35 -4.16 18.87
C LYS A 196 25.03 -4.56 17.57
N LYS A 197 26.13 -5.29 17.67
CA LYS A 197 26.83 -5.76 16.48
C LYS A 197 25.91 -6.58 15.59
N GLU A 198 25.08 -7.43 16.20
CA GLU A 198 24.28 -8.36 15.41
C GLU A 198 23.16 -7.62 14.68
N ILE A 199 22.48 -6.71 15.38
CA ILE A 199 21.38 -6.00 14.76
C ILE A 199 21.90 -5.15 13.60
N TYR A 200 23.00 -4.45 13.82
CA TYR A 200 23.56 -3.57 12.80
C TYR A 200 24.06 -4.33 11.57
N ARG A 201 24.28 -5.63 11.65
CA ARG A 201 24.56 -6.39 10.44
C ARG A 201 23.38 -6.32 9.48
N SER A 202 22.17 -6.51 10.02
CA SER A 202 20.96 -6.38 9.21
C SER A 202 20.78 -4.95 8.76
N ILE A 203 20.94 -4.00 9.67
CA ILE A 203 20.64 -2.61 9.36
C ILE A 203 21.57 -2.10 8.28
N ASP A 204 22.87 -2.36 8.43
CA ASP A 204 23.84 -1.85 7.46
C ASP A 204 23.62 -2.48 6.10
N GLN A 205 23.26 -3.76 6.05
CA GLN A 205 22.98 -4.38 4.77
C GLN A 205 21.72 -3.78 4.14
N PHE A 206 20.71 -3.51 4.97
CA PHE A 206 19.41 -3.11 4.46
C PHE A 206 19.44 -1.67 3.97
N PHE A 207 20.20 -0.81 4.65
CA PHE A 207 20.14 0.62 4.42
C PHE A 207 21.43 1.25 3.94
N HIS A 208 22.59 0.72 4.33
CA HIS A 208 23.86 1.40 4.14
C HIS A 208 24.79 0.62 3.23
N SER A 209 24.24 -0.22 2.37
CA SER A 209 25.02 -0.97 1.43
C SER A 209 24.31 -0.93 0.10
N ASP A 210 24.95 -1.55 -0.87
CA ASP A 210 24.33 -1.85 -2.14
C ASP A 210 23.28 -2.93 -1.92
N LYS A 211 22.22 -2.89 -2.72
CA LYS A 211 21.14 -3.82 -2.40
C LYS A 211 21.35 -5.19 -3.03
N SER A 212 22.52 -5.46 -3.63
CA SER A 212 22.65 -6.69 -4.41
C SER A 212 22.65 -7.91 -3.52
N PHE A 213 23.10 -7.76 -2.26
CA PHE A 213 23.06 -8.87 -1.31
C PHE A 213 21.73 -9.62 -1.37
N TYR A 214 20.62 -8.89 -1.31
CA TYR A 214 19.32 -9.54 -1.23
C TYR A 214 19.04 -10.39 -2.46
N GLN A 215 19.54 -9.99 -3.63
CA GLN A 215 19.31 -10.77 -4.85
C GLN A 215 20.28 -11.94 -4.94
N THR A 216 21.51 -11.75 -4.45
CA THR A 216 22.52 -12.81 -4.50
C THR A 216 22.12 -14.04 -3.69
N TYR A 217 21.61 -13.85 -2.47
CA TYR A 217 21.25 -14.97 -1.62
C TYR A 217 19.76 -15.29 -1.69
N ASP A 218 19.00 -14.54 -2.49
CA ASP A 218 17.55 -14.71 -2.65
C ASP A 218 16.86 -14.63 -1.29
N ILE A 219 16.89 -13.42 -0.76
CA ILE A 219 16.44 -13.14 0.60
C ILE A 219 15.43 -12.01 0.54
N PRO A 220 14.21 -12.20 1.06
CA PRO A 220 13.21 -11.13 1.03
C PRO A 220 13.76 -9.85 1.65
N TYR A 221 13.46 -8.74 0.99
CA TYR A 221 14.00 -7.45 1.38
C TYR A 221 13.04 -6.81 2.38
N LYS A 222 13.11 -7.30 3.60
CA LYS A 222 12.30 -6.78 4.71
C LYS A 222 12.86 -7.37 5.99
N ARG A 223 12.49 -6.75 7.11
CA ARG A 223 12.88 -7.31 8.39
C ARG A 223 11.93 -6.80 9.47
N GLY A 224 11.77 -7.60 10.51
CA GLY A 224 11.00 -7.20 11.66
C GLY A 224 11.61 -7.75 12.93
N ILE A 225 12.07 -6.88 13.82
CA ILE A 225 12.63 -7.31 15.08
C ILE A 225 11.83 -6.75 16.24
N LEU A 226 11.75 -7.55 17.30
CA LEU A 226 11.04 -7.21 18.54
C LEU A 226 12.06 -6.99 19.64
N LEU A 227 11.96 -5.85 20.31
CA LEU A 227 12.82 -5.51 21.46
C LEU A 227 11.98 -5.55 22.72
N TYR A 228 12.33 -6.41 23.66
CA TYR A 228 11.53 -6.60 24.86
C TYR A 228 12.44 -6.60 26.08
N GLY A 229 11.80 -6.66 27.25
CA GLY A 229 12.49 -6.56 28.52
C GLY A 229 11.63 -5.97 29.61
N PRO A 230 12.18 -5.89 30.82
CA PRO A 230 11.42 -5.35 31.95
C PRO A 230 11.20 -3.85 31.77
N PRO A 231 10.13 -3.31 32.36
CA PRO A 231 9.85 -1.88 32.18
C PRO A 231 10.98 -0.99 32.72
N GLY A 232 11.04 0.24 32.21
CA GLY A 232 12.08 1.17 32.60
C GLY A 232 13.47 0.90 32.06
N ASN A 233 13.67 -0.17 31.26
CA ASN A 233 14.96 -0.48 30.66
C ASN A 233 15.30 0.43 29.46
N GLY A 234 14.55 1.50 29.23
CA GLY A 234 14.90 2.47 28.20
C GLY A 234 14.74 1.97 26.78
N LYS A 235 13.87 0.97 26.57
CA LYS A 235 13.65 0.41 25.23
C LYS A 235 13.28 1.50 24.24
N THR A 236 12.44 2.44 24.66
CA THR A 236 11.97 3.47 23.73
C THR A 236 13.11 4.42 23.35
N THR A 237 13.86 4.94 24.32
CA THR A 237 15.01 5.78 23.98
C THR A 237 16.01 5.02 23.10
N LEU A 238 16.13 3.70 23.27
CA LEU A 238 17.08 2.93 22.46
C LEU A 238 16.63 2.89 21.00
N VAL A 239 15.37 2.53 20.75
CA VAL A 239 14.86 2.41 19.38
C VAL A 239 14.93 3.75 18.65
N LYS A 240 14.63 4.85 19.34
CA LYS A 240 14.82 6.16 18.70
C LYS A 240 16.29 6.40 18.37
N SER A 241 17.20 5.96 19.25
CA SER A 241 18.62 6.11 19.00
C SER A 241 19.06 5.25 17.83
N ILE A 242 18.58 4.01 17.75
CA ILE A 242 18.90 3.20 16.59
C ILE A 242 18.36 3.86 15.33
N ALA A 243 17.07 4.22 15.36
CA ALA A 243 16.45 4.85 14.20
C ALA A 243 17.20 6.07 13.74
N GLY A 244 17.73 6.86 14.68
CA GLY A 244 18.42 8.08 14.32
C GLY A 244 19.79 7.88 13.73
N SER A 245 20.31 6.66 13.76
CA SER A 245 21.60 6.35 13.18
C SER A 245 21.52 5.85 11.75
N ILE A 246 20.32 5.80 11.18
CA ILE A 246 20.06 5.15 9.90
C ILE A 246 19.84 6.23 8.84
N ASP A 247 20.59 6.11 7.74
CA ASP A 247 20.52 7.06 6.64
C ASP A 247 19.38 6.67 5.71
N ALA A 248 18.17 6.83 6.24
CA ALA A 248 16.93 6.51 5.55
C ALA A 248 15.78 7.14 6.32
N PRO A 249 14.66 7.47 5.65
CA PRO A 249 13.53 8.04 6.37
C PRO A 249 13.10 7.14 7.52
N VAL A 250 12.70 7.77 8.61
CA VAL A 250 12.23 7.06 9.79
C VAL A 250 10.80 7.46 10.03
N ALA A 251 9.95 6.47 10.32
CA ALA A 251 8.54 6.69 10.56
C ALA A 251 8.19 6.08 11.90
N TYR A 252 7.51 6.85 12.73
CA TYR A 252 7.00 6.35 14.01
C TYR A 252 5.51 6.14 13.89
N TRP A 253 5.07 5.01 14.37
CA TRP A 253 3.66 4.65 14.38
C TRP A 253 3.19 4.59 15.83
N GLN A 254 2.25 5.46 16.17
CA GLN A 254 1.74 5.54 17.54
C GLN A 254 0.40 4.84 17.55
N ILE A 255 0.40 3.60 18.05
CA ILE A 255 -0.85 2.91 18.36
C ILE A 255 -1.65 3.75 19.35
N THR A 256 -2.94 3.87 19.10
CA THR A 256 -3.79 4.53 20.08
C THR A 256 -4.97 3.62 20.37
N GLU A 257 -5.99 4.15 21.04
CA GLU A 257 -7.23 3.39 21.19
C GLU A 257 -8.07 3.43 19.91
N PHE A 258 -7.67 4.23 18.92
CA PHE A 258 -8.34 4.29 17.64
C PHE A 258 -7.72 3.35 16.60
N THR A 259 -6.64 2.63 16.95
CA THR A 259 -6.00 1.72 16.02
C THR A 259 -6.93 0.55 15.67
N SER A 260 -7.15 0.37 14.38
CA SER A 260 -7.96 -0.68 13.81
C SER A 260 -7.15 -1.34 12.69
N SER A 261 -7.74 -2.37 12.06
CA SER A 261 -7.13 -2.89 10.82
C SER A 261 -7.13 -1.84 9.71
N GLU A 262 -7.95 -0.78 9.82
CA GLU A 262 -7.90 0.25 8.81
C GLU A 262 -6.68 1.16 8.97
N THR A 263 -6.41 1.65 10.20
CA THR A 263 -5.21 2.50 10.38
C THR A 263 -3.94 1.72 10.06
N ILE A 264 -3.90 0.43 10.42
CA ILE A 264 -2.74 -0.39 10.10
C ILE A 264 -2.41 -0.30 8.62
N GLU A 265 -3.41 -0.54 7.76
CA GLU A 265 -3.13 -0.54 6.32
C GLU A 265 -2.74 0.84 5.82
N GLU A 266 -3.35 1.89 6.36
CA GLU A 266 -2.97 3.25 5.99
C GLU A 266 -1.50 3.53 6.33
N VAL A 267 -1.09 3.18 7.56
CA VAL A 267 0.27 3.45 8.02
C VAL A 267 1.29 2.66 7.21
N PHE A 268 1.02 1.38 6.97
CA PHE A 268 1.98 0.56 6.24
C PHE A 268 2.08 1.00 4.79
N GLN A 269 0.96 1.38 4.16
CA GLN A 269 1.05 1.91 2.80
C GLN A 269 1.77 3.26 2.75
N ALA A 270 1.64 4.08 3.80
CA ALA A 270 2.33 5.36 3.81
C ALA A 270 3.82 5.19 4.09
N ALA A 271 4.18 4.30 5.02
CA ALA A 271 5.59 4.00 5.22
C ALA A 271 6.20 3.39 3.97
N ARG A 272 5.49 2.46 3.35
CA ARG A 272 5.99 1.76 2.17
C ARG A 272 6.28 2.70 1.01
N ARG A 273 5.65 3.88 0.99
CA ARG A 273 6.00 4.89 0.00
C ARG A 273 7.40 5.47 0.21
N LEU A 274 7.91 5.42 1.43
CA LEU A 274 9.26 5.86 1.74
C LEU A 274 10.28 4.74 1.72
N ALA A 275 9.92 3.57 1.20
CA ALA A 275 10.82 2.43 1.23
C ALA A 275 12.09 2.73 0.43
N PRO A 276 13.26 2.30 0.90
CA PRO A 276 13.43 1.62 2.18
C PRO A 276 13.33 2.61 3.33
N ALA A 277 12.61 2.21 4.38
CA ALA A 277 12.41 3.05 5.56
C ALA A 277 12.41 2.15 6.79
N VAL A 278 12.80 2.71 7.91
CA VAL A 278 12.60 2.02 9.17
C VAL A 278 11.28 2.49 9.76
N LEU A 279 10.49 1.54 10.27
CA LEU A 279 9.20 1.84 10.88
C LEU A 279 9.25 1.43 12.33
N VAL A 280 9.17 2.41 13.23
CA VAL A 280 9.22 2.16 14.67
C VAL A 280 7.81 2.01 15.21
N ILE A 281 7.58 0.94 15.97
CA ILE A 281 6.29 0.64 16.60
C ILE A 281 6.52 0.43 18.09
N GLU A 282 6.32 1.47 18.89
CA GLU A 282 6.59 1.38 20.33
C GLU A 282 5.37 0.88 21.10
N ASP A 283 5.59 -0.09 22.01
CA ASP A 283 4.53 -0.72 22.82
C ASP A 283 3.42 -1.24 21.92
N ILE A 284 3.84 -2.15 21.04
CA ILE A 284 2.92 -2.89 20.19
C ILE A 284 1.93 -3.68 21.02
N ASP A 285 2.21 -3.84 22.33
CA ASP A 285 1.27 -4.53 23.22
C ASP A 285 0.05 -3.68 23.55
N SER A 286 0.12 -2.36 23.33
CA SER A 286 -1.01 -1.48 23.51
C SER A 286 -2.05 -1.59 22.39
N MET A 287 -1.86 -2.48 21.38
CA MET A 287 -2.83 -2.44 20.30
C MET A 287 -4.00 -3.39 20.56
N PRO A 288 -5.19 -3.04 20.08
CA PRO A 288 -6.40 -3.81 20.43
C PRO A 288 -6.31 -5.26 20.00
N GLU A 289 -6.85 -6.15 20.84
CA GLU A 289 -6.66 -7.57 20.59
C GLU A 289 -7.38 -8.06 19.33
N ASP A 290 -8.40 -7.34 18.87
CA ASP A 290 -9.15 -7.77 17.70
C ASP A 290 -8.46 -7.47 16.38
N VAL A 291 -7.40 -6.67 16.36
CA VAL A 291 -6.65 -6.42 15.13
C VAL A 291 -5.31 -7.13 15.11
N ARG A 292 -4.92 -7.78 16.21
CA ARG A 292 -3.57 -8.34 16.29
C ARG A 292 -3.38 -9.52 15.34
N SER A 293 -4.40 -10.38 15.19
CA SER A 293 -4.29 -11.44 14.19
C SER A 293 -4.06 -10.85 12.81
N PHE A 294 -4.83 -9.82 12.45
CA PHE A 294 -4.67 -9.18 11.16
C PHE A 294 -3.30 -8.52 11.05
N PHE A 295 -2.82 -7.94 12.15
CA PHE A 295 -1.55 -7.22 12.10
C PHE A 295 -0.39 -8.16 11.77
N LEU A 296 -0.28 -9.28 12.49
CA LEU A 296 0.83 -10.19 12.25
C LEU A 296 0.78 -10.78 10.84
N ASN A 297 -0.39 -10.77 10.19
CA ASN A 297 -0.50 -11.24 8.81
C ASN A 297 0.14 -10.26 7.83
N THR A 298 0.07 -8.95 8.09
CA THR A 298 0.68 -7.97 7.20
C THR A 298 2.20 -8.13 7.13
N LEU A 299 2.82 -8.74 8.15
CA LEU A 299 4.25 -8.97 8.21
C LEU A 299 4.70 -10.30 7.61
N ASP A 300 3.83 -11.33 7.61
CA ASP A 300 4.20 -12.66 7.15
C ASP A 300 3.15 -13.38 6.30
N GLY A 301 2.00 -12.76 6.02
CA GLY A 301 0.96 -13.44 5.27
C GLY A 301 1.27 -13.57 3.79
N ALA A 302 0.33 -14.20 3.07
CA ALA A 302 0.52 -14.49 1.64
C ALA A 302 0.68 -13.23 0.80
N THR A 303 0.20 -12.08 1.29
CA THR A 303 0.28 -10.82 0.56
C THR A 303 1.05 -9.77 1.34
N SER A 304 1.97 -10.19 2.22
CA SER A 304 2.85 -9.25 2.89
C SER A 304 3.87 -8.71 1.89
N LYS A 305 4.34 -7.48 2.15
CA LYS A 305 5.13 -6.72 1.19
C LYS A 305 6.51 -6.40 1.76
N GLU A 306 7.34 -5.82 0.90
CA GLU A 306 8.76 -5.57 1.13
C GLU A 306 9.03 -4.10 1.35
N GLY A 307 10.31 -3.78 1.61
CA GLY A 307 10.79 -2.42 1.75
C GLY A 307 10.84 -1.86 3.16
N LEU A 308 10.25 -2.52 4.15
CA LEU A 308 10.21 -1.98 5.51
C LEU A 308 11.12 -2.78 6.46
N PHE A 309 11.81 -2.05 7.32
CA PHE A 309 12.53 -2.58 8.47
C PHE A 309 11.75 -2.20 9.73
N LEU A 310 10.90 -3.12 10.22
CA LEU A 310 10.09 -2.88 11.42
C LEU A 310 10.90 -3.06 12.69
N ILE A 311 10.73 -2.15 13.65
CA ILE A 311 11.30 -2.32 14.99
C ILE A 311 10.23 -2.06 16.04
N GLY A 312 9.79 -3.10 16.72
CA GLY A 312 8.84 -2.91 17.81
C GLY A 312 9.39 -3.08 19.22
N THR A 313 8.72 -2.51 20.21
CA THR A 313 9.08 -2.70 21.61
C THR A 313 7.87 -3.19 22.37
N THR A 314 8.10 -4.08 23.33
CA THR A 314 7.04 -4.58 24.18
C THR A 314 7.60 -4.87 25.57
N ASN A 315 6.77 -4.69 26.58
CA ASN A 315 7.06 -5.21 27.92
C ASN A 315 6.48 -6.58 28.14
N TYR A 316 5.53 -6.98 27.31
CA TYR A 316 4.82 -8.25 27.42
C TYR A 316 5.05 -9.05 26.14
N PRO A 317 6.24 -9.62 25.96
CA PRO A 317 6.48 -10.43 24.76
C PRO A 317 5.45 -11.54 24.61
N GLU A 318 4.97 -12.04 25.75
CA GLU A 318 3.87 -13.00 25.83
C GLU A 318 2.72 -12.69 24.89
N GLU A 319 2.23 -11.44 24.92
CA GLU A 319 0.97 -11.07 24.25
C GLU A 319 1.12 -10.67 22.79
N ILE A 320 2.30 -10.23 22.37
CA ILE A 320 2.46 -9.73 21.00
C ILE A 320 2.54 -10.88 20.02
N ASP A 321 3.59 -11.68 20.18
CA ASP A 321 3.95 -12.77 19.27
C ASP A 321 3.66 -14.07 20.00
N PRO A 322 2.41 -14.58 19.95
CA PRO A 322 2.06 -15.76 20.74
C PRO A 322 2.98 -16.94 20.50
N GLY A 323 3.71 -16.96 19.39
CA GLY A 323 4.64 -18.03 19.12
C GLY A 323 5.97 -17.92 19.84
N LEU A 324 5.98 -17.34 21.03
CA LEU A 324 7.25 -17.10 21.75
C LEU A 324 7.33 -17.93 23.04
N GLY A 329 7.25 -17.99 16.91
CA GLY A 329 7.69 -16.61 16.79
C GLY A 329 7.55 -16.08 15.37
N ARG A 330 6.90 -14.94 15.20
CA ARG A 330 6.57 -14.45 13.86
C ARG A 330 7.31 -13.20 13.43
N PHE A 331 7.85 -12.41 14.36
CA PHE A 331 8.92 -11.48 14.01
C PHE A 331 10.18 -12.29 13.67
N ASP A 332 11.13 -11.63 13.01
CA ASP A 332 12.32 -12.37 12.60
C ASP A 332 13.19 -12.73 13.80
N ARG A 333 13.36 -11.79 14.72
CA ARG A 333 14.13 -12.02 15.93
C ARG A 333 13.55 -11.16 17.05
N ALA A 334 13.60 -11.69 18.27
CA ALA A 334 13.21 -10.98 19.47
C ALA A 334 14.42 -10.88 20.39
N TYR A 335 14.79 -9.67 20.77
CA TYR A 335 15.98 -9.42 21.58
C TYR A 335 15.57 -8.89 22.95
N GLU A 336 16.15 -9.44 24.00
CA GLU A 336 15.89 -9.00 25.36
C GLU A 336 16.81 -7.85 25.71
N ILE A 337 16.24 -6.75 26.18
CA ILE A 337 17.02 -5.62 26.68
C ILE A 337 16.90 -5.64 28.19
N GLY A 338 17.97 -6.05 28.86
CA GLY A 338 18.00 -6.03 30.30
C GLY A 338 18.46 -4.70 30.86
N LEU A 339 18.62 -4.67 32.18
CA LEU A 339 19.18 -3.48 32.80
C LEU A 339 20.67 -3.40 32.50
N PRO A 340 21.26 -2.22 32.53
CA PRO A 340 22.66 -2.10 32.13
C PRO A 340 23.59 -2.67 33.18
N ASP A 341 24.60 -3.40 32.71
CA ASP A 341 25.70 -3.82 33.56
C ASP A 341 26.66 -2.64 33.76
N GLU A 342 27.81 -2.90 34.40
CA GLU A 342 28.69 -1.80 34.83
C GLU A 342 29.25 -1.01 33.64
N GLU A 343 29.68 -1.68 32.57
CA GLU A 343 30.30 -0.95 31.47
C GLU A 343 29.26 -0.12 30.72
N LEU A 344 28.04 -0.65 30.56
CA LEU A 344 26.98 0.13 29.94
C LEU A 344 26.61 1.34 30.78
N ARG A 345 26.48 1.16 32.11
CA ARG A 345 26.21 2.28 33.00
C ARG A 345 27.25 3.37 32.85
N LEU A 346 28.50 2.98 32.59
CA LEU A 346 29.61 3.90 32.49
C LEU A 346 29.61 4.64 31.14
N GLU A 347 29.37 3.93 30.03
CA GLU A 347 29.13 4.60 28.76
C GLU A 347 28.00 5.62 28.89
N TYR A 348 26.87 5.19 29.45
CA TYR A 348 25.75 6.10 29.65
C TYR A 348 26.18 7.38 30.37
N MET A 349 26.96 7.26 31.44
CA MET A 349 27.29 8.46 32.21
C MET A 349 28.21 9.39 31.44
N LYS A 350 29.07 8.88 30.56
CA LYS A 350 29.88 9.80 29.75
C LYS A 350 29.05 10.47 28.67
N MET A 351 28.10 9.72 28.08
CA MET A 351 27.28 10.29 27.01
C MET A 351 26.29 11.32 27.53
N ARG A 352 25.74 11.10 28.73
CA ARG A 352 24.74 12.02 29.27
C ARG A 352 25.35 13.27 29.89
N GLY A 353 26.65 13.27 30.15
CA GLY A 353 27.31 14.46 30.67
C GLY A 353 27.55 14.49 32.17
N PHE A 354 27.85 13.35 32.78
CA PHE A 354 28.31 13.40 34.16
C PHE A 354 29.71 13.99 34.26
N GLY A 355 30.52 13.83 33.22
CA GLY A 355 31.88 14.35 33.21
C GLY A 355 31.95 15.85 33.36
N ILE A 356 30.82 16.54 33.21
CA ILE A 356 30.74 17.96 33.52
C ILE A 356 31.24 18.23 34.93
N PHE A 357 30.72 17.49 35.91
CA PHE A 357 30.95 17.80 37.32
C PHE A 357 31.66 16.71 38.11
N LEU A 358 32.09 15.62 37.47
CA LEU A 358 32.79 14.56 38.17
C LEU A 358 34.10 14.25 37.47
N SER A 359 35.07 13.83 38.28
CA SER A 359 36.30 13.28 37.75
C SER A 359 36.04 11.89 37.16
N GLU A 360 37.00 11.40 36.38
CA GLU A 360 36.87 10.06 35.82
C GLU A 360 36.77 9.01 36.91
N GLY A 361 37.58 9.14 37.97
CA GLY A 361 37.43 8.26 39.11
C GLY A 361 36.03 8.29 39.68
N GLU A 362 35.45 9.49 39.76
CA GLU A 362 34.09 9.61 40.28
C GLU A 362 33.08 8.92 39.36
N ILE A 363 33.30 8.97 38.04
CA ILE A 363 32.40 8.30 37.09
C ILE A 363 32.51 6.79 37.23
N LYS A 364 33.74 6.28 37.13
CA LYS A 364 34.00 4.87 37.32
C LYS A 364 33.36 4.36 38.60
N ASN A 365 33.54 5.11 39.69
CA ASN A 365 32.94 4.75 40.96
C ASN A 365 31.42 4.75 40.87
N ALA A 366 30.85 5.80 40.27
CA ALA A 366 29.40 5.91 40.22
C ALA A 366 28.80 4.81 39.34
N ALA A 367 29.50 4.43 38.27
CA ALA A 367 29.06 3.26 37.51
C ALA A 367 29.06 2.02 38.39
N LYS A 368 30.06 1.91 39.27
CA LYS A 368 30.21 0.73 40.12
C LYS A 368 29.12 0.65 41.18
N LEU A 369 28.67 1.80 41.71
CA LEU A 369 27.68 1.82 42.78
C LEU A 369 26.25 1.74 42.27
N THR A 370 26.02 1.83 40.97
CA THR A 370 24.67 1.94 40.44
C THR A 370 24.10 0.59 40.01
N GLU A 371 24.52 -0.48 40.68
CA GLU A 371 23.99 -1.79 40.35
C GLU A 371 22.46 -1.78 40.45
N GLY A 372 21.82 -2.47 39.52
CA GLY A 372 20.37 -2.52 39.47
C GLY A 372 19.70 -1.25 38.99
N PHE A 373 20.46 -0.25 38.53
CA PHE A 373 19.89 1.01 38.08
C PHE A 373 19.39 0.90 36.64
N SER A 374 18.18 1.40 36.41
CA SER A 374 17.71 1.56 35.05
C SER A 374 18.38 2.75 34.38
N PHE A 375 18.21 2.86 33.06
CA PHE A 375 18.71 4.04 32.37
C PHE A 375 17.96 5.29 32.82
N ALA A 376 16.63 5.17 32.98
CA ALA A 376 15.84 6.26 33.52
C ALA A 376 16.36 6.70 34.89
N GLN A 377 16.60 5.74 35.79
CA GLN A 377 17.11 6.10 37.11
C GLN A 377 18.47 6.79 37.01
N LEU A 378 19.35 6.30 36.15
CA LEU A 378 20.61 7.02 35.96
C LEU A 378 20.35 8.42 35.44
N GLY A 379 19.32 8.58 34.60
CA GLY A 379 18.92 9.90 34.16
C GLY A 379 18.41 10.77 35.29
N GLU A 380 17.45 10.26 36.07
CA GLU A 380 16.93 11.01 37.23
C GLU A 380 18.05 11.32 38.22
N LEU A 381 19.03 10.42 38.35
CA LEU A 381 20.22 10.72 39.14
C LEU A 381 20.95 11.93 38.56
N TYR A 382 21.09 11.98 37.23
CA TYR A 382 21.83 13.05 36.59
C TYR A 382 21.21 14.41 36.87
N VAL A 383 19.90 14.54 36.66
CA VAL A 383 19.23 15.83 36.87
C VAL A 383 19.36 16.26 38.33
N SER A 384 19.12 15.34 39.28
CA SER A 384 19.17 15.68 40.69
C SER A 384 20.58 15.98 41.14
N SER A 385 21.56 15.28 40.58
CA SER A 385 22.95 15.55 40.89
C SER A 385 23.43 16.84 40.24
N ALA A 386 22.75 17.26 39.16
CA ALA A 386 23.18 18.44 38.43
C ALA A 386 22.83 19.71 39.19
N LEU A 387 21.58 19.81 39.67
CA LEU A 387 21.15 20.94 40.48
C LEU A 387 22.11 21.21 41.61
N GLN A 388 22.36 20.18 42.42
CA GLN A 388 23.26 20.32 43.57
C GLN A 388 24.59 20.95 43.15
N TRP A 389 25.22 20.41 42.11
CA TRP A 389 26.47 21.01 41.64
C TRP A 389 26.24 22.42 41.12
N HIS A 390 25.07 22.66 40.53
CA HIS A 390 24.71 23.99 40.02
C HIS A 390 24.10 24.87 41.10
N GLN A 391 23.59 24.29 42.19
CA GLN A 391 23.04 25.04 43.32
C GLN A 391 24.05 25.20 44.45
N GLU A 392 24.70 24.11 44.84
CA GLU A 392 25.53 24.07 46.04
C GLU A 392 27.02 23.97 45.74
N GLY A 393 27.42 23.98 44.47
CA GLY A 393 28.80 23.72 44.10
C GLY A 393 29.25 22.31 44.47
N ASN A 394 28.29 21.47 44.88
CA ASN A 394 28.51 20.15 45.47
C ASN A 394 27.57 19.15 44.84
N HIS A 395 28.09 17.99 44.41
CA HIS A 395 27.25 16.99 43.75
C HIS A 395 26.73 15.91 44.70
N HIS A 396 27.62 15.35 45.54
CA HIS A 396 27.25 14.35 46.55
C HIS A 396 26.61 13.12 45.91
N ILE A 397 27.28 12.53 44.92
CA ILE A 397 26.69 11.40 44.21
C ILE A 397 26.59 10.18 45.13
N GLU A 398 27.69 9.78 45.78
CA GLU A 398 27.63 8.63 46.71
C GLU A 398 26.49 8.78 47.72
N THR A 399 26.29 9.99 48.23
CA THR A 399 25.15 10.24 49.10
C THR A 399 23.83 10.10 48.34
N MET A 400 23.80 10.56 47.08
CA MET A 400 22.57 10.54 46.30
C MET A 400 22.24 9.16 45.74
N VAL A 401 23.25 8.36 45.35
CA VAL A 401 22.95 7.00 44.92
C VAL A 401 22.40 6.20 46.10
N LYS A 402 23.09 6.26 47.26
CA LYS A 402 22.62 5.58 48.47
C LYS A 402 21.26 6.09 48.91
N ASP A 403 20.94 7.36 48.63
CA ASP A 403 19.62 7.83 49.03
C ASP A 403 18.56 7.43 48.03
N MET A 404 18.93 7.33 46.74
CA MET A 404 17.96 6.93 45.73
C MET A 404 17.68 5.43 45.79
N THR A 405 18.67 4.61 46.16
CA THR A 405 18.35 3.18 46.33
C THR A 405 17.35 3.01 47.48
N GLY A 406 17.64 3.61 48.64
CA GLY A 406 16.76 3.47 49.78
C GLY A 406 15.38 4.10 49.64
N ASN B 5 -64.31 22.85 -17.50
CA ASN B 5 -63.81 24.22 -17.44
C ASN B 5 -63.60 24.69 -15.99
N ILE B 6 -62.51 24.24 -15.39
CA ILE B 6 -62.04 24.72 -14.10
C ILE B 6 -60.89 25.70 -14.35
N PRO B 7 -60.91 26.90 -13.75
CA PRO B 7 -59.94 27.94 -14.15
C PRO B 7 -58.50 27.52 -13.88
N PHE B 8 -57.56 28.22 -14.53
CA PHE B 8 -56.15 28.09 -14.23
C PHE B 8 -55.63 29.40 -13.62
N ILE B 9 -55.01 29.25 -12.45
CA ILE B 9 -54.35 30.37 -11.76
C ILE B 9 -53.30 31.00 -12.67
N TYR B 10 -52.36 30.17 -13.12
CA TYR B 10 -51.25 30.60 -13.98
C TYR B 10 -51.71 30.76 -15.42
N GLN B 11 -51.66 31.98 -15.94
CA GLN B 11 -52.10 32.27 -17.29
C GLN B 11 -51.02 32.77 -18.23
N TYR B 12 -49.81 33.00 -17.75
CA TYR B 12 -48.71 33.38 -18.64
C TYR B 12 -48.56 32.34 -19.74
N GLU B 13 -48.36 32.79 -20.98
CA GLU B 13 -48.05 31.87 -22.05
C GLU B 13 -46.58 32.00 -22.43
N GLU B 14 -46.00 30.89 -22.84
CA GLU B 14 -44.55 30.76 -22.98
C GLU B 14 -44.13 31.04 -24.42
N LYS B 15 -43.10 31.88 -24.57
CA LYS B 15 -42.46 32.01 -25.87
C LYS B 15 -41.74 30.71 -26.23
N GLU B 16 -41.48 30.53 -27.52
CA GLU B 16 -41.04 29.21 -27.98
C GLU B 16 -39.65 28.84 -27.44
N ASN B 17 -38.79 29.81 -27.13
CA ASN B 17 -37.46 29.43 -26.67
C ASN B 17 -37.42 29.15 -25.17
N GLU B 18 -38.53 29.35 -24.46
CA GLU B 18 -38.63 28.88 -23.08
C GLU B 18 -38.85 27.38 -22.97
N ARG B 19 -39.10 26.67 -24.07
CA ARG B 19 -39.23 25.23 -23.95
C ARG B 19 -37.89 24.51 -24.03
N ALA B 20 -36.81 25.24 -24.28
CA ALA B 20 -35.50 24.61 -24.38
C ALA B 20 -35.13 23.91 -23.08
N ALA B 21 -34.61 22.68 -23.20
CA ALA B 21 -34.24 21.87 -22.06
C ALA B 21 -32.78 22.09 -21.67
N ALA B 22 -32.57 22.40 -20.40
CA ALA B 22 -31.24 22.71 -19.89
C ALA B 22 -30.22 21.61 -20.16
N GLY B 23 -29.10 21.98 -20.75
CA GLY B 23 -28.00 21.06 -20.95
C GLY B 23 -28.17 20.15 -22.14
N TYR B 24 -29.37 20.02 -22.70
CA TYR B 24 -29.59 19.12 -23.84
C TYR B 24 -28.96 19.67 -25.11
N GLY B 25 -28.89 21.00 -25.25
CA GLY B 25 -28.28 21.58 -26.43
C GLY B 25 -26.83 21.17 -26.61
N THR B 26 -26.04 21.26 -25.54
CA THR B 26 -24.66 20.78 -25.59
C THR B 26 -24.63 19.26 -25.78
N PHE B 27 -25.39 18.54 -24.96
CA PHE B 27 -25.30 17.09 -24.96
C PHE B 27 -25.69 16.48 -26.30
N GLY B 28 -26.82 16.91 -26.87
CA GLY B 28 -27.29 16.33 -28.11
C GLY B 28 -26.39 16.66 -29.29
N TYR B 29 -25.81 17.86 -29.29
CA TYR B 29 -24.83 18.21 -30.32
C TYR B 29 -23.64 17.27 -30.26
N LEU B 30 -23.09 17.07 -29.05
CA LEU B 30 -21.96 16.15 -28.89
C LEU B 30 -22.31 14.74 -29.37
N ILE B 31 -23.39 14.15 -28.86
CA ILE B 31 -23.81 12.82 -29.33
C ILE B 31 -23.88 12.78 -30.85
N THR B 32 -24.53 13.78 -31.44
CA THR B 32 -24.67 13.82 -32.89
C THR B 32 -23.30 13.82 -33.59
N ARG B 33 -22.39 14.69 -33.13
CA ARG B 33 -21.04 14.73 -33.69
C ARG B 33 -20.28 13.42 -33.46
N ILE B 34 -20.50 12.76 -32.33
CA ILE B 34 -19.81 11.49 -32.10
C ILE B 34 -20.32 10.43 -33.06
N GLU B 35 -21.63 10.46 -33.34
CA GLU B 35 -22.21 9.52 -34.30
C GLU B 35 -21.67 9.78 -35.71
N GLU B 36 -21.59 11.05 -36.13
CA GLU B 36 -21.08 11.38 -37.45
C GLU B 36 -19.60 11.02 -37.58
N THR B 37 -18.81 11.31 -36.54
CA THR B 37 -17.39 10.94 -36.55
C THR B 37 -17.20 9.43 -36.66
N LEU B 38 -17.94 8.67 -35.84
CA LEU B 38 -17.84 7.22 -35.92
C LEU B 38 -18.27 6.72 -37.29
N TYR B 39 -19.27 7.38 -37.89
CA TYR B 39 -19.68 6.99 -39.23
C TYR B 39 -18.60 7.31 -40.26
N ASP B 40 -17.94 8.47 -40.13
CA ASP B 40 -16.93 8.85 -41.12
C ASP B 40 -15.76 7.87 -41.16
N GLN B 41 -15.39 7.30 -40.02
CA GLN B 41 -14.25 6.38 -39.99
C GLN B 41 -14.61 4.93 -40.26
N TYR B 42 -15.87 4.54 -40.04
CA TYR B 42 -16.20 3.12 -40.17
C TYR B 42 -17.42 2.84 -41.05
N GLY B 43 -18.14 3.85 -41.52
CA GLY B 43 -19.24 3.61 -42.41
C GLY B 43 -20.37 2.81 -41.83
N VAL B 44 -20.42 2.65 -40.50
CA VAL B 44 -21.54 2.02 -39.82
C VAL B 44 -22.17 3.02 -38.85
N PHE B 45 -23.41 2.72 -38.44
CA PHE B 45 -24.20 3.63 -37.63
C PHE B 45 -24.17 3.21 -36.17
N TYR B 46 -23.64 4.08 -35.33
CA TYR B 46 -23.58 3.86 -33.90
C TYR B 46 -24.67 4.66 -33.22
N GLU B 47 -25.34 4.06 -32.24
CA GLU B 47 -26.26 4.81 -31.40
C GLU B 47 -25.98 4.53 -29.92
N LEU B 48 -26.64 5.32 -29.09
CA LEU B 48 -26.46 5.31 -27.65
C LEU B 48 -27.20 4.14 -27.02
N TYR B 49 -26.49 3.37 -26.19
CA TYR B 49 -27.13 2.38 -25.33
C TYR B 49 -27.07 2.75 -23.87
N ALA B 50 -26.39 3.84 -23.52
CA ALA B 50 -26.26 4.29 -22.15
C ALA B 50 -25.66 5.69 -22.18
N SER B 51 -26.37 6.66 -21.64
CA SER B 51 -25.90 8.04 -21.70
C SER B 51 -25.04 8.41 -20.52
N ASP B 52 -25.13 7.65 -19.43
CA ASP B 52 -24.17 7.78 -18.33
C ASP B 52 -24.07 6.45 -17.63
N ASP B 53 -23.32 5.54 -18.23
CA ASP B 53 -23.25 4.14 -17.82
C ASP B 53 -22.77 4.01 -16.37
N PRO B 54 -23.51 3.34 -15.49
CA PRO B 54 -23.00 3.12 -14.13
C PRO B 54 -22.12 1.88 -14.00
N ASN B 55 -22.09 1.01 -15.01
CA ASN B 55 -21.22 -0.16 -14.93
C ASN B 55 -19.77 0.28 -15.06
N THR B 56 -18.91 -0.27 -14.21
CA THR B 56 -17.52 0.10 -14.25
C THR B 56 -16.63 -0.95 -14.86
N GLU B 57 -17.07 -2.20 -14.91
CA GLU B 57 -16.16 -3.29 -15.23
C GLU B 57 -15.60 -3.16 -16.63
N TYR B 58 -16.47 -3.05 -17.64
CA TYR B 58 -15.94 -3.00 -19.00
C TYR B 58 -15.33 -1.63 -19.30
N TRP B 59 -15.66 -0.63 -18.49
CA TRP B 59 -14.97 0.65 -18.59
C TRP B 59 -13.55 0.53 -18.08
N GLU B 60 -13.32 -0.29 -17.07
CA GLU B 60 -11.96 -0.47 -16.59
C GLU B 60 -11.18 -1.40 -17.50
N LEU B 61 -11.87 -2.23 -18.29
CA LEU B 61 -11.22 -3.00 -19.34
C LEU B 61 -10.75 -2.08 -20.46
N LEU B 62 -11.56 -1.07 -20.79
CA LEU B 62 -11.18 -0.09 -21.80
C LEU B 62 -9.90 0.64 -21.41
N VAL B 63 -9.85 1.16 -20.18
CA VAL B 63 -8.67 1.82 -19.68
C VAL B 63 -7.46 0.89 -19.75
N GLU B 64 -7.62 -0.34 -19.25
CA GLU B 64 -6.50 -1.26 -19.25
C GLU B 64 -6.11 -1.63 -20.67
N ASP B 65 -7.09 -1.74 -21.57
CA ASP B 65 -6.76 -2.02 -22.95
C ASP B 65 -5.94 -0.89 -23.56
N VAL B 66 -6.39 0.36 -23.36
CA VAL B 66 -5.67 1.52 -23.85
C VAL B 66 -4.28 1.60 -23.20
N ARG B 67 -4.24 1.53 -21.87
CA ARG B 67 -2.99 1.65 -21.13
C ARG B 67 -1.94 0.67 -21.63
N SER B 68 -2.35 -0.53 -21.99
CA SER B 68 -1.39 -1.56 -22.35
C SER B 68 -1.06 -1.60 -23.83
N GLY B 69 -1.54 -0.64 -24.61
CA GLY B 69 -1.21 -0.65 -26.03
C GLY B 69 -1.88 -1.75 -26.82
N SER B 70 -2.91 -2.39 -26.27
CA SER B 70 -3.65 -3.39 -27.00
C SER B 70 -4.18 -2.83 -28.31
N LEU B 71 -4.43 -3.71 -29.28
CA LEU B 71 -4.74 -3.31 -30.65
C LEU B 71 -6.14 -2.70 -30.74
N GLU B 72 -7.20 -3.42 -30.15
CA GLU B 72 -8.39 -2.60 -29.93
C GLU B 72 -8.35 -2.07 -28.51
N PRO B 73 -8.97 -0.93 -28.20
CA PRO B 73 -9.83 -0.12 -29.03
C PRO B 73 -9.00 0.81 -29.88
N GLU B 74 -9.63 1.60 -30.74
CA GLU B 74 -8.95 2.58 -31.56
C GLU B 74 -9.40 3.96 -31.10
N HIS B 75 -8.44 4.86 -30.90
CA HIS B 75 -8.79 6.23 -30.56
C HIS B 75 -9.41 6.89 -31.77
N VAL B 76 -10.61 7.42 -31.63
CA VAL B 76 -11.38 7.93 -32.74
C VAL B 76 -11.32 9.45 -32.82
N ALA B 77 -11.47 10.12 -31.68
CA ALA B 77 -11.47 11.57 -31.68
C ALA B 77 -11.27 12.05 -30.26
N TYR B 78 -10.91 13.32 -30.15
CA TYR B 78 -10.97 14.07 -28.92
C TYR B 78 -12.27 14.88 -28.92
N ILE B 79 -12.75 15.20 -27.72
CA ILE B 79 -14.02 15.88 -27.62
C ILE B 79 -13.78 17.39 -27.59
N PHE B 80 -13.14 17.88 -26.55
CA PHE B 80 -12.82 19.29 -26.47
C PHE B 80 -11.37 19.49 -26.87
N GLU B 81 -11.13 20.47 -27.73
CA GLU B 81 -9.79 20.77 -28.21
C GLU B 81 -8.84 21.14 -27.07
N LYS B 82 -9.36 21.72 -25.98
CA LYS B 82 -8.50 22.26 -24.92
C LYS B 82 -8.62 21.52 -23.60
N LEU B 83 -9.30 20.38 -23.56
CA LEU B 83 -9.19 19.52 -22.40
C LEU B 83 -8.08 18.49 -22.66
N GLU B 84 -7.84 17.60 -21.71
CA GLU B 84 -6.63 16.78 -21.78
C GLU B 84 -6.69 15.83 -22.98
N LYS B 85 -5.53 15.64 -23.61
CA LYS B 85 -5.35 14.64 -24.65
C LYS B 85 -4.54 13.47 -24.17
N LYS B 86 -3.90 13.61 -23.02
CA LYS B 86 -3.06 12.56 -22.48
C LYS B 86 -3.39 12.45 -21.01
N THR B 87 -3.08 11.28 -20.47
CA THR B 87 -3.25 11.08 -19.05
C THR B 87 -2.13 10.16 -18.63
N PHE B 88 -2.12 9.78 -17.36
CA PHE B 88 -1.15 8.82 -16.92
C PHE B 88 -1.75 8.05 -15.76
N ALA B 89 -1.35 6.79 -15.67
CA ALA B 89 -2.03 5.88 -14.76
C ALA B 89 -1.67 6.14 -13.32
N TYR B 90 -0.62 6.92 -13.06
CA TYR B 90 -0.01 7.10 -11.75
C TYR B 90 -0.97 7.63 -10.71
N ASP B 91 -1.31 6.79 -9.74
CA ASP B 91 -2.20 7.12 -8.64
C ASP B 91 -1.44 6.86 -7.34
N GLU B 92 -1.15 7.94 -6.59
CA GLU B 92 -0.32 7.83 -5.39
C GLU B 92 -1.02 7.06 -4.28
N ASP B 93 -2.35 6.95 -4.34
CA ASP B 93 -3.13 6.21 -3.36
C ASP B 93 -3.28 4.73 -3.74
N GLU B 94 -2.42 4.24 -4.64
CA GLU B 94 -2.40 2.85 -5.09
C GLU B 94 -1.04 2.25 -4.76
N LYS B 95 -1.02 1.00 -4.30
CA LYS B 95 0.23 0.41 -3.82
C LYS B 95 1.22 0.17 -4.96
N GLU B 96 0.72 -0.22 -6.15
CA GLU B 96 1.54 -0.41 -7.34
C GLU B 96 1.53 0.84 -8.19
N PRO B 97 2.58 1.68 -8.17
CA PRO B 97 2.58 2.87 -9.01
C PRO B 97 2.76 2.49 -10.47
N ASP B 98 1.82 2.93 -11.29
CA ASP B 98 1.84 2.72 -12.74
C ASP B 98 2.19 4.06 -13.35
N TYR B 99 3.30 4.12 -14.06
CA TYR B 99 3.76 5.37 -14.64
C TYR B 99 3.42 5.50 -16.13
N THR B 100 2.65 4.58 -16.69
CA THR B 100 2.35 4.61 -18.13
C THR B 100 1.61 5.89 -18.51
N VAL B 101 2.12 6.56 -19.55
CA VAL B 101 1.43 7.68 -20.17
C VAL B 101 0.74 7.17 -21.42
N HIS B 102 -0.49 7.63 -21.66
CA HIS B 102 -1.25 7.16 -22.81
C HIS B 102 -2.30 8.20 -23.15
N LYS B 103 -3.02 7.97 -24.25
CA LYS B 103 -4.08 8.86 -24.65
C LYS B 103 -5.15 8.94 -23.56
N SER B 104 -5.73 10.13 -23.39
CA SER B 104 -6.72 10.34 -22.35
C SER B 104 -7.97 9.50 -22.58
N ILE B 105 -8.60 9.08 -21.48
CA ILE B 105 -9.92 8.46 -21.52
C ILE B 105 -11.01 9.52 -21.43
N ARG B 106 -11.07 10.23 -20.31
CA ARG B 106 -11.84 11.46 -20.32
C ARG B 106 -11.43 12.30 -21.53
N ASN B 107 -12.44 12.85 -22.21
CA ASN B 107 -12.28 13.72 -23.37
C ASN B 107 -11.92 12.96 -24.62
N SER B 108 -12.20 11.65 -24.69
CA SER B 108 -11.90 10.88 -25.90
C SER B 108 -13.07 9.99 -26.30
N VAL B 109 -13.03 9.56 -27.56
CA VAL B 109 -13.93 8.56 -28.11
C VAL B 109 -13.08 7.37 -28.51
N TYR B 110 -13.51 6.17 -28.13
CA TYR B 110 -12.84 4.95 -28.54
C TYR B 110 -13.82 4.00 -29.19
N ALA B 111 -13.34 3.21 -30.13
CA ALA B 111 -14.18 2.21 -30.74
C ALA B 111 -13.43 0.88 -30.74
N TYR B 112 -14.16 -0.19 -30.50
CA TYR B 112 -13.75 -1.56 -30.80
C TYR B 112 -14.40 -1.93 -32.13
N PRO B 113 -13.73 -1.68 -33.26
CA PRO B 113 -14.40 -1.86 -34.56
C PRO B 113 -14.92 -3.27 -34.79
N GLU B 114 -14.16 -4.30 -34.39
CA GLU B 114 -14.59 -5.68 -34.62
C GLU B 114 -15.82 -6.04 -33.77
N LYS B 115 -15.96 -5.43 -32.60
CA LYS B 115 -17.09 -5.69 -31.73
C LYS B 115 -18.29 -4.79 -32.01
N GLY B 116 -18.11 -3.66 -32.69
CA GLY B 116 -19.21 -2.76 -32.91
C GLY B 116 -19.62 -1.93 -31.72
N VAL B 117 -18.74 -1.75 -30.73
CA VAL B 117 -19.05 -0.99 -29.53
C VAL B 117 -18.06 0.16 -29.39
N ALA B 118 -18.56 1.35 -29.03
CA ALA B 118 -17.69 2.50 -28.81
C ALA B 118 -17.99 3.19 -27.48
N PHE B 119 -17.02 3.99 -27.03
CA PHE B 119 -16.98 4.60 -25.72
C PHE B 119 -16.64 6.07 -25.86
N ALA B 120 -17.38 6.93 -25.18
CA ALA B 120 -17.01 8.34 -25.07
C ALA B 120 -17.18 8.77 -23.61
N ARG B 121 -16.12 9.31 -23.02
CA ARG B 121 -16.19 9.85 -21.67
C ARG B 121 -16.24 11.37 -21.81
N ILE B 122 -17.46 11.91 -21.86
CA ILE B 122 -17.69 13.29 -22.28
C ILE B 122 -17.49 14.19 -21.06
N PRO B 123 -16.52 15.09 -21.08
CA PRO B 123 -16.32 15.98 -19.93
C PRO B 123 -17.38 17.07 -19.87
N TYR B 124 -17.58 17.59 -18.65
CA TYR B 124 -18.41 18.79 -18.43
C TYR B 124 -18.02 19.41 -17.09
N PHE B 125 -18.39 20.68 -16.92
CA PHE B 125 -18.06 21.44 -15.72
C PHE B 125 -19.27 21.59 -14.81
N GLN B 126 -19.10 21.29 -13.53
CA GLN B 126 -20.20 21.21 -12.57
C GLN B 126 -19.69 21.57 -11.18
N ASP B 127 -20.18 22.71 -10.65
CA ASP B 127 -19.77 23.21 -9.33
C ASP B 127 -18.27 23.46 -9.31
N GLY B 128 -17.79 24.12 -10.37
CA GLY B 128 -16.37 24.21 -10.64
C GLY B 128 -15.80 22.93 -11.21
N SER B 129 -15.72 21.88 -10.38
CA SER B 129 -14.99 20.64 -10.69
C SER B 129 -15.35 20.01 -12.04
N ILE B 130 -14.48 19.11 -12.52
CA ILE B 130 -14.61 18.50 -13.84
C ILE B 130 -15.14 17.09 -13.69
N MET B 131 -16.20 16.78 -14.45
CA MET B 131 -16.91 15.52 -14.40
C MET B 131 -17.02 14.95 -15.79
N SER B 132 -17.69 13.80 -15.92
CA SER B 132 -17.91 13.24 -17.26
C SER B 132 -19.13 12.33 -17.28
N PHE B 133 -19.79 12.32 -18.43
CA PHE B 133 -20.76 11.29 -18.78
C PHE B 133 -20.02 10.14 -19.44
N ASP B 134 -20.37 8.93 -19.05
CA ASP B 134 -19.81 7.74 -19.68
C ASP B 134 -20.81 7.23 -20.69
N CYS B 135 -20.63 7.59 -21.96
CA CYS B 135 -21.58 7.24 -22.99
C CYS B 135 -21.14 5.98 -23.72
N LEU B 136 -22.08 5.07 -23.94
CA LEU B 136 -21.82 3.80 -24.57
C LEU B 136 -22.62 3.69 -25.86
N PHE B 137 -21.94 3.30 -26.95
CA PHE B 137 -22.51 3.22 -28.28
C PHE B 137 -22.37 1.82 -28.84
N ALA B 138 -23.36 1.37 -29.60
CA ALA B 138 -23.21 0.12 -30.33
C ALA B 138 -23.86 0.24 -31.70
N VAL B 139 -23.39 -0.60 -32.62
CA VAL B 139 -23.89 -0.60 -33.99
C VAL B 139 -25.29 -1.21 -34.05
N ASN B 140 -25.56 -2.25 -33.25
CA ASN B 140 -26.89 -2.83 -33.15
C ASN B 140 -27.03 -3.66 -31.87
N ASP B 141 -28.27 -4.09 -31.61
CA ASP B 141 -28.57 -4.81 -30.37
C ASP B 141 -27.79 -6.11 -30.25
N GLU B 142 -27.52 -6.78 -31.36
CA GLU B 142 -26.85 -8.08 -31.26
C GLU B 142 -25.38 -7.90 -30.93
N LYS B 143 -24.77 -6.85 -31.49
CA LYS B 143 -23.41 -6.52 -31.14
C LYS B 143 -23.31 -6.10 -29.68
N MET B 144 -24.26 -5.28 -29.22
CA MET B 144 -24.20 -4.84 -27.84
C MET B 144 -24.27 -6.01 -26.89
N ARG B 145 -25.21 -6.93 -27.12
CA ARG B 145 -25.36 -8.07 -26.23
C ARG B 145 -24.10 -8.95 -26.24
N ALA B 146 -23.57 -9.26 -27.42
CA ALA B 146 -22.41 -10.12 -27.51
C ALA B 146 -21.22 -9.51 -26.80
N PHE B 147 -21.07 -8.18 -26.90
CA PHE B 147 -20.03 -7.48 -26.15
C PHE B 147 -20.24 -7.68 -24.66
N LEU B 148 -21.45 -7.39 -24.15
CA LEU B 148 -21.72 -7.58 -22.73
C LEU B 148 -21.42 -9.01 -22.30
N GLU B 149 -21.87 -9.98 -23.09
CA GLU B 149 -21.67 -11.38 -22.76
C GLU B 149 -20.19 -11.76 -22.70
N GLY B 150 -19.32 -10.98 -23.36
CA GLY B 150 -17.90 -11.25 -23.33
C GLY B 150 -17.12 -10.63 -22.19
N VAL B 151 -17.79 -9.87 -21.32
CA VAL B 151 -17.07 -9.12 -20.31
C VAL B 151 -16.50 -10.05 -19.24
N ARG B 152 -17.32 -10.98 -18.74
CA ARG B 152 -16.85 -11.77 -17.62
C ARG B 152 -15.83 -12.84 -18.02
N PRO B 153 -15.95 -13.48 -19.18
CA PRO B 153 -14.79 -14.23 -19.67
C PRO B 153 -13.53 -13.40 -19.82
N ARG B 154 -13.63 -12.13 -20.24
CA ARG B 154 -12.42 -11.31 -20.31
C ARG B 154 -11.83 -11.07 -18.92
N LEU B 155 -12.67 -10.64 -17.96
CA LEU B 155 -12.17 -10.45 -16.60
C LEU B 155 -11.66 -11.72 -15.99
N TRP B 156 -12.27 -12.84 -16.33
CA TRP B 156 -11.75 -14.11 -15.87
C TRP B 156 -10.31 -14.33 -16.30
N GLU B 157 -10.04 -14.22 -17.60
CA GLU B 157 -8.69 -14.40 -18.09
C GLU B 157 -7.73 -13.47 -17.36
N LYS B 158 -8.07 -12.18 -17.29
CA LYS B 158 -7.14 -11.23 -16.70
C LYS B 158 -6.83 -11.57 -15.24
N SER B 159 -7.81 -12.15 -14.53
CA SER B 159 -7.66 -12.45 -13.12
C SER B 159 -6.76 -13.65 -12.87
N LYS B 160 -6.53 -14.48 -13.89
CA LYS B 160 -5.55 -15.55 -13.77
C LYS B 160 -4.17 -15.01 -13.50
N ARG B 161 -3.87 -13.81 -13.99
CA ARG B 161 -2.55 -13.22 -13.88
C ARG B 161 -2.50 -12.07 -12.89
N LYS B 162 -3.44 -12.03 -11.96
CA LYS B 162 -3.52 -11.12 -10.84
C LYS B 162 -3.79 -11.98 -9.61
N VAL B 163 -3.54 -11.47 -8.41
CA VAL B 163 -4.14 -12.04 -7.21
C VAL B 163 -5.13 -11.04 -6.66
N THR B 164 -6.32 -11.51 -6.33
CA THR B 164 -7.37 -10.65 -5.81
C THR B 164 -7.39 -10.76 -4.31
N VAL B 165 -7.42 -9.63 -3.63
CA VAL B 165 -7.45 -9.61 -2.18
C VAL B 165 -8.64 -8.79 -1.75
N PHE B 166 -9.46 -9.38 -0.91
CA PHE B 166 -10.62 -8.76 -0.30
C PHE B 166 -10.26 -8.51 1.15
N THR B 167 -10.38 -7.25 1.57
CA THR B 167 -10.02 -6.84 2.93
C THR B 167 -11.23 -6.15 3.52
N ASP B 168 -11.73 -6.66 4.64
CA ASP B 168 -12.98 -6.17 5.21
C ASP B 168 -12.73 -4.88 6.00
N GLY B 169 -13.39 -3.80 5.59
CA GLY B 169 -13.32 -2.53 6.26
C GLY B 169 -14.66 -2.10 6.84
N ASP B 170 -14.65 -0.88 7.39
CA ASP B 170 -15.80 -0.38 8.15
C ASP B 170 -17.09 -0.44 7.32
N GLY B 171 -17.10 0.20 6.15
CA GLY B 171 -18.25 0.05 5.27
C GLY B 171 -18.48 -1.40 4.86
N GLY B 172 -17.43 -2.05 4.39
CA GLY B 172 -17.53 -3.34 3.73
C GLY B 172 -16.18 -3.70 3.17
N THR B 173 -16.17 -4.67 2.27
CA THR B 173 -14.89 -5.21 1.83
C THR B 173 -14.29 -4.34 0.72
N SER B 174 -12.96 -4.42 0.59
CA SER B 174 -12.21 -3.71 -0.43
C SER B 174 -11.49 -4.74 -1.30
N ARG B 175 -11.58 -4.58 -2.61
CA ARG B 175 -10.94 -5.46 -3.58
C ARG B 175 -9.69 -4.77 -4.13
N GLU B 176 -8.58 -5.48 -4.16
CA GLU B 176 -7.35 -4.98 -4.74
C GLU B 176 -6.72 -6.12 -5.52
N GLN B 177 -6.21 -5.80 -6.72
CA GLN B 177 -5.60 -6.80 -7.59
C GLN B 177 -4.11 -6.51 -7.65
N GLU B 178 -3.33 -7.35 -7.00
CA GLU B 178 -1.89 -7.20 -6.95
C GLU B 178 -1.23 -8.35 -7.68
N ALA B 179 0.05 -8.18 -8.02
CA ALA B 179 0.87 -9.32 -8.38
C ALA B 179 1.70 -9.72 -7.15
N ILE B 180 1.96 -11.03 -7.01
CA ILE B 180 2.63 -11.53 -5.82
C ILE B 180 4.02 -10.92 -5.72
N VAL B 181 4.36 -10.42 -4.52
CA VAL B 181 5.64 -9.75 -4.32
C VAL B 181 6.80 -10.70 -4.58
N ARG B 182 6.64 -11.97 -4.17
CA ARG B 182 7.61 -13.02 -4.48
C ARG B 182 6.88 -14.26 -4.95
N GLU B 183 7.08 -14.63 -6.21
CA GLU B 183 6.45 -15.81 -6.79
C GLU B 183 7.10 -17.09 -6.25
N VAL B 184 6.31 -18.17 -6.22
CA VAL B 184 6.68 -19.40 -5.53
C VAL B 184 6.26 -20.58 -6.39
N GLN B 185 7.24 -21.35 -6.87
CA GLN B 185 6.89 -22.54 -7.62
C GLN B 185 6.64 -23.68 -6.64
N ARG B 186 6.01 -24.75 -7.15
CA ARG B 186 5.67 -25.89 -6.31
C ARG B 186 6.92 -26.62 -5.82
N SER B 187 8.01 -26.57 -6.58
CA SER B 187 9.23 -27.28 -6.19
C SER B 187 9.89 -26.66 -4.96
N GLN B 188 9.54 -25.42 -4.64
CA GLN B 188 10.04 -24.73 -3.46
C GLN B 188 9.20 -25.01 -2.22
N VAL B 189 8.16 -25.82 -2.33
CA VAL B 189 7.32 -26.21 -1.20
C VAL B 189 7.88 -27.52 -0.66
N ILE B 190 8.52 -27.45 0.50
CA ILE B 190 9.16 -28.61 1.11
C ILE B 190 8.17 -29.26 2.07
N MET B 191 7.85 -30.51 1.80
CA MET B 191 6.67 -31.15 2.38
C MET B 191 6.77 -32.64 2.05
N ASN B 192 6.06 -33.45 2.83
CA ASN B 192 6.03 -34.87 2.53
C ASN B 192 5.45 -35.06 1.14
N PRO B 193 6.16 -35.73 0.24
CA PRO B 193 5.72 -35.78 -1.17
C PRO B 193 4.31 -36.31 -1.36
N LEU B 194 3.89 -37.26 -0.53
CA LEU B 194 2.55 -37.83 -0.69
C LEU B 194 1.47 -36.90 -0.12
N LEU B 195 1.83 -36.07 0.86
CA LEU B 195 0.97 -34.96 1.26
C LEU B 195 0.90 -33.91 0.17
N LYS B 196 2.06 -33.48 -0.35
CA LYS B 196 2.10 -32.55 -1.48
C LYS B 196 1.31 -33.08 -2.65
N LYS B 197 1.60 -34.31 -3.07
CA LYS B 197 0.97 -34.87 -4.26
C LYS B 197 -0.53 -34.79 -4.14
N GLU B 198 -1.07 -35.21 -3.00
CA GLU B 198 -2.51 -35.31 -2.86
C GLU B 198 -3.16 -33.93 -2.78
N ILE B 199 -2.51 -32.98 -2.11
CA ILE B 199 -3.08 -31.64 -2.04
C ILE B 199 -3.13 -31.01 -3.42
N TYR B 200 -2.02 -31.12 -4.17
CA TYR B 200 -2.01 -30.58 -5.53
C TYR B 200 -2.90 -31.39 -6.47
N ARG B 201 -3.10 -32.68 -6.21
CA ARG B 201 -3.90 -33.48 -7.12
C ARG B 201 -5.38 -33.14 -7.01
N SER B 202 -5.86 -32.88 -5.79
CA SER B 202 -7.27 -32.50 -5.66
C SER B 202 -7.55 -31.15 -6.30
N ILE B 203 -6.66 -30.17 -6.10
CA ILE B 203 -6.78 -28.88 -6.78
C ILE B 203 -6.75 -29.08 -8.30
N ASP B 204 -5.73 -29.80 -8.77
CA ASP B 204 -5.55 -30.02 -10.22
C ASP B 204 -6.66 -30.88 -10.81
N GLN B 205 -7.24 -31.79 -10.02
CA GLN B 205 -8.38 -32.54 -10.55
C GLN B 205 -9.62 -31.65 -10.65
N PHE B 206 -9.76 -30.71 -9.72
CA PHE B 206 -10.99 -29.95 -9.62
C PHE B 206 -11.19 -29.01 -10.81
N PHE B 207 -10.10 -28.52 -11.39
CA PHE B 207 -10.19 -27.54 -12.48
C PHE B 207 -9.90 -28.10 -13.87
N HIS B 208 -9.38 -29.33 -14.00
CA HIS B 208 -8.90 -29.82 -15.29
C HIS B 208 -9.35 -31.23 -15.64
N SER B 209 -9.71 -32.07 -14.68
CA SER B 209 -10.61 -33.16 -15.02
C SER B 209 -11.94 -32.56 -15.43
N ASP B 210 -12.83 -33.37 -16.00
CA ASP B 210 -14.14 -32.82 -16.30
C ASP B 210 -15.11 -33.09 -15.16
N LYS B 211 -16.20 -32.33 -15.17
CA LYS B 211 -17.26 -32.37 -14.18
C LYS B 211 -18.27 -33.48 -14.47
N SER B 212 -17.88 -34.49 -15.25
CA SER B 212 -18.77 -35.60 -15.53
C SER B 212 -19.26 -36.24 -14.24
N PHE B 213 -18.46 -36.15 -13.19
CA PHE B 213 -18.88 -36.70 -11.92
C PHE B 213 -20.02 -35.89 -11.30
N TYR B 214 -19.80 -34.59 -11.09
CA TYR B 214 -20.74 -33.76 -10.33
C TYR B 214 -22.10 -33.62 -11.02
N GLN B 215 -22.16 -33.73 -12.34
CA GLN B 215 -23.44 -33.64 -13.02
C GLN B 215 -24.16 -34.99 -13.00
N THR B 216 -23.42 -36.08 -13.19
CA THR B 216 -24.04 -37.41 -13.17
C THR B 216 -24.78 -37.67 -11.87
N TYR B 217 -24.18 -37.28 -10.74
CA TYR B 217 -24.70 -37.61 -9.42
C TYR B 217 -25.37 -36.42 -8.74
N ASP B 218 -25.59 -35.32 -9.45
CA ASP B 218 -26.24 -34.15 -8.90
C ASP B 218 -25.56 -33.71 -7.60
N ILE B 219 -24.24 -33.66 -7.64
CA ILE B 219 -23.43 -33.21 -6.50
C ILE B 219 -22.94 -31.80 -6.80
N PRO B 220 -23.14 -30.84 -5.91
CA PRO B 220 -22.64 -29.48 -6.17
C PRO B 220 -21.13 -29.49 -6.43
N TYR B 221 -20.73 -28.70 -7.41
CA TYR B 221 -19.33 -28.71 -7.86
C TYR B 221 -18.56 -27.73 -6.98
N LYS B 222 -18.12 -28.24 -5.83
CA LYS B 222 -17.28 -27.45 -4.92
C LYS B 222 -16.54 -28.37 -3.97
N ARG B 223 -15.45 -27.83 -3.43
CA ARG B 223 -14.61 -28.55 -2.48
C ARG B 223 -13.85 -27.54 -1.62
N GLY B 224 -13.54 -27.96 -0.41
CA GLY B 224 -12.70 -27.17 0.46
C GLY B 224 -11.72 -28.07 1.16
N ILE B 225 -10.50 -27.60 1.35
CA ILE B 225 -9.56 -28.28 2.23
C ILE B 225 -9.08 -27.26 3.24
N LEU B 226 -8.74 -27.75 4.43
CA LEU B 226 -8.26 -26.91 5.52
C LEU B 226 -6.83 -27.32 5.84
N LEU B 227 -5.91 -26.35 5.80
CA LEU B 227 -4.53 -26.56 6.17
C LEU B 227 -4.32 -26.02 7.57
N TYR B 228 -3.68 -26.81 8.44
CA TYR B 228 -3.47 -26.40 9.82
C TYR B 228 -2.17 -26.98 10.34
N GLY B 229 -1.67 -26.37 11.41
CA GLY B 229 -0.42 -26.73 12.01
C GLY B 229 0.26 -25.52 12.61
N PRO B 230 1.41 -25.73 13.23
CA PRO B 230 2.13 -24.61 13.83
C PRO B 230 2.70 -23.70 12.75
N PRO B 231 2.79 -22.40 13.02
CA PRO B 231 3.14 -21.44 11.95
C PRO B 231 4.57 -21.60 11.43
N GLY B 232 4.77 -21.16 10.19
CA GLY B 232 6.10 -21.15 9.62
C GLY B 232 6.59 -22.48 9.10
N ASN B 233 5.70 -23.34 8.62
CA ASN B 233 6.12 -24.64 8.12
C ASN B 233 5.63 -24.92 6.71
N GLY B 234 5.15 -23.89 6.02
CA GLY B 234 4.89 -24.00 4.60
C GLY B 234 3.45 -23.85 4.20
N LYS B 235 2.55 -23.53 5.13
CA LYS B 235 1.16 -23.27 4.76
C LYS B 235 1.09 -22.13 3.78
N THR B 236 1.53 -20.94 4.22
CA THR B 236 1.58 -19.77 3.35
C THR B 236 2.33 -20.08 2.06
N THR B 237 3.51 -20.70 2.17
CA THR B 237 4.27 -21.05 0.98
C THR B 237 3.46 -21.97 0.06
N LEU B 238 2.75 -22.95 0.65
CA LEU B 238 1.93 -23.83 -0.18
C LEU B 238 0.85 -23.03 -0.89
N VAL B 239 0.22 -22.10 -0.18
CA VAL B 239 -0.85 -21.32 -0.79
C VAL B 239 -0.31 -20.47 -1.93
N LYS B 240 0.76 -19.71 -1.67
CA LYS B 240 1.36 -18.85 -2.70
C LYS B 240 1.81 -19.64 -3.93
N SER B 241 2.15 -20.92 -3.77
CA SER B 241 2.54 -21.74 -4.91
C SER B 241 1.38 -22.00 -5.85
N ILE B 242 0.15 -21.68 -5.44
CA ILE B 242 -1.02 -22.07 -6.21
C ILE B 242 -1.35 -21.05 -7.28
N ALA B 243 -1.16 -19.77 -6.97
CA ALA B 243 -1.48 -18.68 -7.91
C ALA B 243 -0.75 -18.86 -9.23
N GLY B 244 0.57 -19.06 -9.18
CA GLY B 244 1.32 -19.29 -10.40
C GLY B 244 0.92 -20.57 -11.10
N SER B 245 0.53 -21.59 -10.34
CA SER B 245 0.56 -22.96 -10.81
C SER B 245 -0.74 -23.47 -11.42
N ILE B 246 -1.82 -22.69 -11.37
CA ILE B 246 -3.10 -23.20 -11.87
C ILE B 246 -3.70 -22.22 -12.87
N ASP B 247 -4.50 -22.76 -13.79
CA ASP B 247 -5.08 -21.95 -14.88
C ASP B 247 -6.48 -21.48 -14.46
N ALA B 248 -6.50 -20.70 -13.40
CA ALA B 248 -7.73 -20.24 -12.78
C ALA B 248 -7.33 -19.16 -11.80
N PRO B 249 -8.21 -18.18 -11.54
CA PRO B 249 -7.84 -17.10 -10.62
C PRO B 249 -7.74 -17.59 -9.18
N VAL B 250 -6.97 -16.86 -8.39
CA VAL B 250 -6.84 -17.12 -6.97
C VAL B 250 -7.18 -15.84 -6.22
N ALA B 251 -8.07 -15.96 -5.25
CA ALA B 251 -8.54 -14.83 -4.45
C ALA B 251 -8.21 -15.09 -2.99
N TYR B 252 -7.80 -14.06 -2.28
CA TYR B 252 -7.53 -14.14 -0.85
C TYR B 252 -8.55 -13.30 -0.13
N TRP B 253 -9.07 -13.81 0.97
CA TRP B 253 -10.05 -13.09 1.76
C TRP B 253 -9.46 -12.77 3.12
N GLN B 254 -9.32 -11.47 3.41
CA GLN B 254 -8.76 -11.00 4.69
C GLN B 254 -9.89 -10.73 5.67
N ILE B 255 -10.01 -11.62 6.67
CA ILE B 255 -10.91 -11.40 7.81
C ILE B 255 -10.33 -10.31 8.71
N THR B 256 -11.18 -9.37 9.13
CA THR B 256 -10.78 -8.32 10.05
C THR B 256 -11.86 -8.15 11.12
N GLU B 257 -11.61 -7.24 12.06
CA GLU B 257 -12.61 -6.99 13.09
C GLU B 257 -13.87 -6.37 12.51
N PHE B 258 -13.83 -5.92 11.27
CA PHE B 258 -14.99 -5.42 10.55
C PHE B 258 -15.71 -6.51 9.76
N THR B 259 -15.25 -7.76 9.83
CA THR B 259 -15.90 -8.84 9.10
C THR B 259 -17.31 -9.04 9.63
N SER B 260 -18.28 -9.03 8.73
CA SER B 260 -19.68 -9.07 9.07
C SER B 260 -20.38 -10.01 8.10
N SER B 261 -21.63 -10.38 8.40
CA SER B 261 -22.43 -11.12 7.44
C SER B 261 -22.56 -10.34 6.14
N GLU B 262 -22.64 -9.01 6.24
CA GLU B 262 -22.63 -8.16 5.05
C GLU B 262 -21.31 -8.32 4.30
N THR B 263 -20.21 -8.39 5.04
CA THR B 263 -18.90 -8.64 4.44
C THR B 263 -18.82 -10.03 3.79
N ILE B 264 -19.38 -11.05 4.44
CA ILE B 264 -19.29 -12.39 3.85
C ILE B 264 -20.08 -12.46 2.56
N GLU B 265 -21.21 -11.74 2.46
CA GLU B 265 -22.00 -11.81 1.23
C GLU B 265 -21.23 -11.19 0.06
N GLU B 266 -20.75 -9.96 0.22
CA GLU B 266 -19.96 -9.30 -0.81
C GLU B 266 -18.83 -10.17 -1.34
N VAL B 267 -18.14 -10.90 -0.46
CA VAL B 267 -16.95 -11.64 -0.87
C VAL B 267 -17.34 -12.84 -1.74
N PHE B 268 -18.31 -13.62 -1.30
CA PHE B 268 -18.67 -14.79 -2.09
C PHE B 268 -19.37 -14.41 -3.38
N GLN B 269 -20.13 -13.32 -3.40
CA GLN B 269 -20.68 -12.84 -4.66
C GLN B 269 -19.56 -12.45 -5.62
N ALA B 270 -18.53 -11.75 -5.11
CA ALA B 270 -17.39 -11.38 -5.94
C ALA B 270 -16.57 -12.62 -6.31
N ALA B 271 -16.39 -13.54 -5.37
CA ALA B 271 -15.65 -14.76 -5.64
C ALA B 271 -16.37 -15.63 -6.65
N ARG B 272 -17.69 -15.68 -6.61
CA ARG B 272 -18.38 -16.59 -7.50
C ARG B 272 -18.43 -16.05 -8.92
N ARG B 273 -18.39 -14.72 -9.07
CA ARG B 273 -18.17 -14.11 -10.38
C ARG B 273 -16.84 -14.53 -10.98
N LEU B 274 -15.84 -14.86 -10.15
CA LEU B 274 -14.56 -15.34 -10.67
C LEU B 274 -14.55 -16.83 -10.99
N ALA B 275 -15.56 -17.58 -10.55
CA ALA B 275 -15.50 -19.04 -10.66
C ALA B 275 -15.38 -19.47 -12.11
N PRO B 276 -14.65 -20.55 -12.42
CA PRO B 276 -13.86 -21.38 -11.49
C PRO B 276 -12.66 -20.65 -10.92
N ALA B 277 -12.51 -20.70 -9.61
CA ALA B 277 -11.41 -20.01 -8.95
C ALA B 277 -11.11 -20.71 -7.63
N VAL B 278 -10.00 -20.32 -7.03
CA VAL B 278 -9.61 -20.78 -5.71
C VAL B 278 -9.80 -19.61 -4.76
N LEU B 279 -10.44 -19.85 -3.63
CA LEU B 279 -10.65 -18.81 -2.64
C LEU B 279 -9.90 -19.21 -1.37
N VAL B 280 -8.96 -18.36 -0.94
CA VAL B 280 -8.12 -18.64 0.22
C VAL B 280 -8.59 -17.78 1.38
N ILE B 281 -8.77 -18.41 2.55
CA ILE B 281 -9.19 -17.73 3.77
C ILE B 281 -8.12 -18.01 4.81
N GLU B 282 -7.15 -17.12 4.93
CA GLU B 282 -6.14 -17.29 5.95
C GLU B 282 -6.71 -17.00 7.34
N ASP B 283 -6.25 -17.76 8.33
CA ASP B 283 -6.66 -17.58 9.72
C ASP B 283 -8.18 -17.62 9.87
N ILE B 284 -8.80 -18.70 9.38
CA ILE B 284 -10.24 -18.83 9.46
C ILE B 284 -10.75 -18.93 10.90
N ASP B 285 -9.86 -19.13 11.86
CA ASP B 285 -10.25 -19.17 13.26
C ASP B 285 -10.62 -17.78 13.77
N SER B 286 -10.05 -16.75 13.20
CA SER B 286 -10.29 -15.39 13.64
C SER B 286 -11.61 -14.81 13.10
N MET B 287 -12.42 -15.62 12.44
CA MET B 287 -13.75 -15.16 12.05
C MET B 287 -14.59 -14.93 13.30
N PRO B 288 -15.25 -13.78 13.43
CA PRO B 288 -15.99 -13.48 14.66
C PRO B 288 -17.19 -14.40 14.83
N GLU B 289 -17.63 -14.52 16.09
CA GLU B 289 -18.58 -15.57 16.46
C GLU B 289 -19.97 -15.29 15.92
N ASP B 290 -20.37 -14.02 15.88
CA ASP B 290 -21.71 -13.65 15.47
C ASP B 290 -21.92 -13.73 13.96
N VAL B 291 -20.93 -14.16 13.19
CA VAL B 291 -21.08 -14.34 11.75
C VAL B 291 -20.78 -15.76 11.30
N ARG B 292 -20.39 -16.65 12.22
CA ARG B 292 -19.99 -18.01 11.83
C ARG B 292 -21.15 -18.77 11.22
N SER B 293 -22.32 -18.74 11.87
CA SER B 293 -23.49 -19.42 11.33
C SER B 293 -23.84 -18.89 9.95
N PHE B 294 -23.85 -17.55 9.81
CA PHE B 294 -24.11 -16.96 8.50
C PHE B 294 -23.10 -17.46 7.47
N PHE B 295 -21.84 -17.57 7.88
CA PHE B 295 -20.82 -18.08 6.97
C PHE B 295 -21.13 -19.50 6.54
N LEU B 296 -21.58 -20.34 7.48
CA LEU B 296 -21.94 -21.70 7.12
C LEU B 296 -23.09 -21.72 6.12
N ASN B 297 -24.06 -20.82 6.29
CA ASN B 297 -25.18 -20.77 5.36
C ASN B 297 -24.72 -20.34 3.98
N THR B 298 -23.84 -19.34 3.93
CA THR B 298 -23.29 -18.88 2.66
C THR B 298 -22.56 -20.01 1.92
N LEU B 299 -21.75 -20.80 2.65
CA LEU B 299 -21.08 -21.93 2.01
C LEU B 299 -22.07 -22.91 1.41
N ASP B 300 -23.16 -23.19 2.13
CA ASP B 300 -24.14 -24.15 1.66
C ASP B 300 -24.81 -23.68 0.37
N GLY B 301 -25.30 -22.43 0.34
CA GLY B 301 -25.95 -21.87 -0.85
C GLY B 301 -25.12 -21.95 -2.11
N ALA B 302 -25.23 -23.08 -2.82
CA ALA B 302 -24.24 -23.47 -3.82
C ALA B 302 -24.53 -22.83 -5.17
N THR B 303 -23.63 -21.94 -5.61
CA THR B 303 -23.54 -21.53 -7.00
C THR B 303 -22.41 -22.36 -7.62
N SER B 304 -22.78 -23.30 -8.49
CA SER B 304 -21.87 -24.32 -9.00
C SER B 304 -21.40 -24.02 -10.42
N LYS B 305 -21.25 -22.74 -10.78
CA LYS B 305 -21.01 -22.35 -12.17
C LYS B 305 -19.88 -21.31 -12.20
N GLU B 306 -18.62 -21.81 -12.20
CA GLU B 306 -18.32 -23.24 -12.14
C GLU B 306 -17.24 -23.57 -11.10
N GLY B 307 -17.64 -23.76 -9.84
CA GLY B 307 -16.73 -24.28 -8.84
C GLY B 307 -15.87 -23.26 -8.13
N LEU B 308 -16.09 -23.12 -6.83
CA LEU B 308 -15.15 -22.47 -5.94
C LEU B 308 -14.38 -23.56 -5.22
N PHE B 309 -13.07 -23.45 -5.22
CA PHE B 309 -12.22 -24.30 -4.40
C PHE B 309 -11.75 -23.44 -3.22
N LEU B 310 -12.18 -23.81 -2.01
CA LEU B 310 -11.81 -23.06 -0.82
C LEU B 310 -10.57 -23.67 -0.18
N ILE B 311 -9.66 -22.82 0.28
CA ILE B 311 -8.53 -23.25 1.09
C ILE B 311 -8.49 -22.38 2.35
N GLY B 312 -8.70 -23.01 3.49
CA GLY B 312 -8.65 -22.33 4.77
C GLY B 312 -7.36 -22.66 5.49
N THR B 313 -6.94 -21.73 6.32
CA THR B 313 -5.68 -21.81 7.01
C THR B 313 -5.94 -21.50 8.47
N THR B 314 -5.27 -22.21 9.36
CA THR B 314 -5.32 -21.84 10.76
C THR B 314 -4.07 -22.36 11.45
N ASN B 315 -3.56 -21.56 12.38
CA ASN B 315 -2.57 -21.99 13.35
C ASN B 315 -3.22 -22.48 14.64
N TYR B 316 -4.56 -22.50 14.68
CA TYR B 316 -5.32 -22.81 15.90
C TYR B 316 -6.53 -23.65 15.53
N PRO B 317 -6.32 -24.92 15.15
CA PRO B 317 -7.46 -25.77 14.78
C PRO B 317 -8.52 -25.88 15.86
N GLU B 318 -8.14 -25.68 17.12
CA GLU B 318 -9.10 -25.77 18.21
C GLU B 318 -10.16 -24.66 18.12
N GLU B 319 -9.76 -23.46 17.66
CA GLU B 319 -10.69 -22.34 17.56
C GLU B 319 -11.54 -22.35 16.28
N ILE B 320 -11.51 -23.45 15.52
CA ILE B 320 -12.30 -23.57 14.29
C ILE B 320 -13.73 -23.94 14.62
N ASP B 321 -14.69 -23.24 14.00
CA ASP B 321 -16.07 -23.71 13.97
C ASP B 321 -16.11 -25.17 13.49
N PRO B 322 -16.53 -26.12 14.33
CA PRO B 322 -16.59 -27.52 13.88
C PRO B 322 -17.59 -27.75 12.75
N GLY B 323 -18.55 -26.84 12.56
CA GLY B 323 -19.43 -26.95 11.41
C GLY B 323 -18.72 -26.88 10.10
N LEU B 324 -17.50 -26.32 10.08
CA LEU B 324 -16.77 -26.19 8.82
C LEU B 324 -16.34 -27.54 8.27
N MET B 325 -16.17 -28.54 9.13
CA MET B 325 -15.36 -29.69 8.75
C MET B 325 -16.16 -30.96 8.48
N ASN B 326 -15.51 -31.87 7.74
CA ASN B 326 -16.06 -33.12 7.19
C ASN B 326 -17.49 -32.97 6.65
N ARG B 327 -17.68 -31.96 5.79
CA ARG B 327 -18.81 -31.91 4.88
C ARG B 327 -18.24 -31.70 3.47
N ALA B 328 -18.92 -32.25 2.46
CA ALA B 328 -18.43 -32.15 1.09
C ALA B 328 -18.37 -30.69 0.63
N GLY B 329 -19.50 -29.98 0.67
CA GLY B 329 -19.45 -28.55 0.80
C GLY B 329 -18.81 -28.16 2.12
N ARG B 330 -18.34 -26.92 2.22
CA ARG B 330 -17.43 -26.58 3.32
C ARG B 330 -16.16 -27.43 3.15
N PHE B 331 -15.39 -27.64 4.22
CA PHE B 331 -14.08 -28.29 4.13
C PHE B 331 -14.23 -29.79 4.41
N ASP B 332 -13.97 -30.62 3.40
CA ASP B 332 -14.17 -32.05 3.52
C ASP B 332 -12.92 -32.82 3.90
N ARG B 333 -11.74 -32.22 3.74
CA ARG B 333 -10.49 -32.84 4.20
C ARG B 333 -9.64 -31.77 4.86
N ALA B 334 -8.91 -32.17 5.89
CA ALA B 334 -7.98 -31.30 6.58
C ALA B 334 -6.61 -31.95 6.58
N TYR B 335 -5.55 -31.15 6.47
CA TYR B 335 -4.19 -31.65 6.47
C TYR B 335 -3.35 -30.90 7.49
N GLU B 336 -2.54 -31.65 8.23
CA GLU B 336 -1.64 -31.04 9.19
C GLU B 336 -0.31 -30.72 8.51
N ILE B 337 0.14 -29.48 8.65
CA ILE B 337 1.44 -29.05 8.14
C ILE B 337 2.36 -28.89 9.34
N GLY B 338 3.23 -29.88 9.57
CA GLY B 338 4.01 -29.96 10.78
C GLY B 338 5.48 -29.62 10.58
N LEU B 339 6.20 -29.63 11.70
CA LEU B 339 7.62 -29.34 11.67
C LEU B 339 8.32 -30.29 10.71
N PRO B 340 9.34 -29.84 9.98
CA PRO B 340 10.03 -30.75 9.04
C PRO B 340 10.94 -31.72 9.77
N ASP B 341 10.98 -32.95 9.27
CA ASP B 341 11.96 -33.91 9.75
C ASP B 341 13.34 -33.53 9.19
N GLU B 342 14.35 -34.35 9.48
CA GLU B 342 15.71 -34.00 9.11
C GLU B 342 15.91 -34.05 7.59
N GLU B 343 15.30 -35.03 6.93
CA GLU B 343 15.46 -35.12 5.49
C GLU B 343 14.92 -33.88 4.80
N LEU B 344 13.80 -33.34 5.31
CA LEU B 344 13.15 -32.17 4.75
C LEU B 344 13.89 -30.89 5.09
N ARG B 345 14.40 -30.79 6.32
CA ARG B 345 15.27 -29.67 6.67
C ARG B 345 16.47 -29.60 5.72
N LEU B 346 17.11 -30.74 5.49
CA LEU B 346 18.26 -30.77 4.60
C LEU B 346 17.85 -30.37 3.18
N GLU B 347 16.66 -30.77 2.75
CA GLU B 347 16.16 -30.38 1.44
C GLU B 347 15.95 -28.88 1.37
N TYR B 348 15.37 -28.29 2.43
CA TYR B 348 15.11 -26.86 2.46
C TYR B 348 16.42 -26.07 2.44
N MET B 349 17.41 -26.50 3.20
CA MET B 349 18.66 -25.76 3.24
C MET B 349 19.37 -25.74 1.89
N LYS B 350 19.25 -26.81 1.12
CA LYS B 350 19.90 -26.84 -0.18
C LYS B 350 19.22 -25.88 -1.14
N MET B 351 17.89 -25.98 -1.29
CA MET B 351 17.22 -25.10 -2.24
C MET B 351 17.32 -23.65 -1.78
N ARG B 352 17.39 -23.43 -0.48
CA ARG B 352 17.48 -22.07 0.01
C ARG B 352 18.80 -21.41 -0.35
N GLY B 353 19.88 -22.17 -0.45
CA GLY B 353 21.15 -21.59 -0.83
C GLY B 353 22.27 -21.75 0.17
N PHE B 354 22.06 -22.58 1.21
CA PHE B 354 23.12 -22.77 2.19
C PHE B 354 24.39 -23.31 1.53
N GLY B 355 24.25 -24.00 0.39
CA GLY B 355 25.40 -24.52 -0.34
C GLY B 355 26.34 -23.44 -0.88
N ILE B 356 25.91 -22.17 -0.86
CA ILE B 356 26.78 -21.09 -1.31
C ILE B 356 28.00 -20.96 -0.40
N PHE B 357 27.80 -21.13 0.91
CA PHE B 357 28.88 -20.94 1.86
C PHE B 357 29.15 -22.15 2.76
N LEU B 358 28.37 -23.22 2.64
CA LEU B 358 28.54 -24.40 3.47
C LEU B 358 28.96 -25.59 2.61
N SER B 359 29.84 -26.43 3.15
CA SER B 359 30.22 -27.64 2.46
C SER B 359 29.11 -28.69 2.56
N GLU B 360 29.25 -29.76 1.76
CA GLU B 360 28.24 -30.82 1.77
C GLU B 360 28.13 -31.45 3.15
N GLY B 361 29.22 -31.44 3.91
CA GLY B 361 29.22 -31.98 5.25
C GLY B 361 28.71 -30.98 6.27
N GLU B 362 29.08 -29.71 6.13
CA GLU B 362 28.53 -28.69 7.01
C GLU B 362 27.00 -28.62 6.89
N ILE B 363 26.45 -28.83 5.69
CA ILE B 363 25.00 -28.75 5.54
C ILE B 363 24.34 -29.94 6.21
N LYS B 364 24.89 -31.15 5.96
CA LYS B 364 24.38 -32.35 6.63
C LYS B 364 24.41 -32.17 8.14
N ASN B 365 25.46 -31.56 8.67
CA ASN B 365 25.55 -31.37 10.11
C ASN B 365 24.49 -30.39 10.60
N ALA B 366 24.29 -29.28 9.89
CA ALA B 366 23.34 -28.26 10.33
C ALA B 366 21.92 -28.78 10.31
N ALA B 367 21.59 -29.64 9.35
CA ALA B 367 20.27 -30.26 9.35
C ALA B 367 20.03 -31.07 10.62
N LYS B 368 21.07 -31.79 11.10
CA LYS B 368 20.98 -32.51 12.36
C LYS B 368 20.82 -31.56 13.55
N LEU B 369 21.64 -30.51 13.60
CA LEU B 369 21.60 -29.58 14.72
C LEU B 369 20.28 -28.85 14.84
N THR B 370 19.44 -28.85 13.80
CA THR B 370 18.25 -28.00 13.76
C THR B 370 16.98 -28.79 14.01
N GLU B 371 17.08 -29.92 14.71
CA GLU B 371 15.90 -30.66 15.13
C GLU B 371 14.94 -29.75 15.87
N GLY B 372 13.68 -29.78 15.46
CA GLY B 372 12.66 -28.93 16.05
C GLY B 372 12.54 -27.55 15.44
N PHE B 373 13.29 -27.25 14.39
CA PHE B 373 13.19 -25.96 13.72
C PHE B 373 12.04 -26.01 12.72
N SER B 374 11.35 -24.88 12.57
CA SER B 374 10.44 -24.69 11.44
C SER B 374 11.22 -24.24 10.21
N PHE B 375 10.56 -24.25 9.05
CA PHE B 375 11.22 -23.68 7.88
C PHE B 375 11.49 -22.18 8.08
N ALA B 376 10.53 -21.44 8.60
CA ALA B 376 10.76 -20.01 8.82
C ALA B 376 11.96 -19.81 9.74
N GLN B 377 12.21 -20.74 10.65
CA GLN B 377 13.37 -20.58 11.51
C GLN B 377 14.65 -20.89 10.74
N LEU B 378 14.63 -21.95 9.94
CA LEU B 378 15.75 -22.21 9.04
C LEU B 378 16.02 -21.04 8.12
N GLY B 379 14.96 -20.35 7.68
CA GLY B 379 15.13 -19.18 6.85
C GLY B 379 15.79 -18.02 7.57
N GLU B 380 15.41 -17.80 8.84
CA GLU B 380 16.11 -16.78 9.62
C GLU B 380 17.56 -17.18 9.84
N LEU B 381 17.79 -18.47 10.05
CA LEU B 381 19.17 -18.96 10.12
C LEU B 381 19.91 -18.64 8.82
N TYR B 382 19.23 -18.79 7.69
CA TYR B 382 19.89 -18.56 6.41
C TYR B 382 20.31 -17.10 6.25
N VAL B 383 19.39 -16.18 6.51
CA VAL B 383 19.72 -14.76 6.41
C VAL B 383 20.89 -14.41 7.34
N SER B 384 20.89 -14.95 8.55
CA SER B 384 21.90 -14.54 9.53
C SER B 384 23.27 -15.09 9.17
N SER B 385 23.34 -16.37 8.77
CA SER B 385 24.57 -16.92 8.25
C SER B 385 25.06 -16.13 7.06
N ALA B 386 24.20 -15.96 6.04
CA ALA B 386 24.56 -15.26 4.81
C ALA B 386 25.12 -13.87 5.10
N LEU B 387 24.48 -13.13 6.01
CA LEU B 387 25.02 -11.83 6.39
C LEU B 387 26.43 -11.96 6.94
N GLN B 388 26.64 -12.91 7.85
CA GLN B 388 27.96 -13.15 8.42
C GLN B 388 28.95 -13.53 7.33
N TRP B 389 28.57 -14.44 6.45
CA TRP B 389 29.44 -14.83 5.36
C TRP B 389 29.79 -13.63 4.48
N HIS B 390 28.76 -12.90 4.05
CA HIS B 390 28.98 -11.78 3.14
C HIS B 390 29.85 -10.70 3.76
N GLN B 391 29.67 -10.40 5.05
CA GLN B 391 30.33 -9.24 5.61
C GLN B 391 31.69 -9.55 6.23
N GLU B 392 31.91 -10.78 6.68
CA GLU B 392 33.12 -11.15 7.42
C GLU B 392 33.85 -12.36 6.88
N GLY B 393 33.31 -13.04 5.88
CA GLY B 393 34.10 -14.09 5.29
C GLY B 393 34.04 -15.40 6.01
N ASN B 394 33.19 -15.54 7.03
CA ASN B 394 32.84 -16.87 7.53
C ASN B 394 31.48 -16.81 8.20
N HIS B 395 30.83 -17.98 8.28
CA HIS B 395 29.40 -18.08 8.55
C HIS B 395 29.06 -18.28 10.03
N HIS B 396 29.88 -19.03 10.78
CA HIS B 396 29.64 -19.30 12.21
C HIS B 396 28.33 -20.07 12.44
N ILE B 397 28.05 -21.09 11.61
CA ILE B 397 26.69 -21.61 11.53
C ILE B 397 26.22 -22.19 12.88
N GLU B 398 27.13 -22.86 13.62
CA GLU B 398 26.71 -23.52 14.85
C GLU B 398 26.45 -22.55 15.98
N THR B 399 27.27 -21.54 16.10
CA THR B 399 26.97 -20.48 17.04
C THR B 399 25.58 -19.89 16.81
N MET B 400 25.23 -19.62 15.55
CA MET B 400 23.93 -19.04 15.26
C MET B 400 22.80 -20.00 15.58
N VAL B 401 23.03 -21.31 15.39
CA VAL B 401 22.04 -22.29 15.80
C VAL B 401 21.82 -22.21 17.31
N LYS B 402 22.90 -22.04 18.08
CA LYS B 402 22.75 -21.93 19.54
C LYS B 402 22.15 -20.57 19.91
N ASP B 403 22.61 -19.48 19.29
CA ASP B 403 21.98 -18.17 19.51
C ASP B 403 20.46 -18.22 19.35
N MET B 404 19.97 -19.02 18.40
CA MET B 404 18.54 -19.03 18.12
C MET B 404 17.79 -19.91 19.11
N THR B 405 18.39 -21.01 19.56
CA THR B 405 17.78 -21.72 20.69
C THR B 405 17.80 -20.85 21.95
N GLY B 406 18.81 -19.99 22.07
CA GLY B 406 18.87 -19.02 23.16
C GLY B 406 17.69 -18.07 23.25
#